data_2EPX
#
_entry.id   2EPX
#
loop_
_entity.id
_entity.type
_entity.pdbx_description
1 polymer 'Zinc finger protein 28 homolog'
2 non-polymer 'ZINC ION'
#
_entity_poly.entity_id   1
_entity_poly.type   'polypeptide(L)'
_entity_poly.pdbx_seq_one_letter_code
;GSSGSSGTGKKPYECIECGKAFIQNTSLIRHWRYYHTGEKPSGPSSG
;
_entity_poly.pdbx_strand_id   A
#
loop_
_chem_comp.id
_chem_comp.type
_chem_comp.name
_chem_comp.formula
ZN non-polymer 'ZINC ION' 'Zn 2'
#
# COMPACT_ATOMS: atom_id res chain seq x y z
N GLY A 1 17.68 -12.18 15.32
CA GLY A 1 16.38 -11.80 15.81
C GLY A 1 15.29 -12.01 14.78
N SER A 2 14.04 -11.83 15.20
CA SER A 2 12.90 -12.00 14.30
C SER A 2 11.60 -11.61 14.98
N SER A 3 10.67 -11.04 14.21
CA SER A 3 9.39 -10.60 14.75
C SER A 3 8.40 -10.35 13.63
N GLY A 4 7.13 -10.67 13.87
CA GLY A 4 6.10 -10.46 12.88
C GLY A 4 4.74 -10.96 13.33
N SER A 5 3.87 -11.24 12.37
CA SER A 5 2.53 -11.73 12.68
C SER A 5 2.03 -12.70 11.60
N SER A 6 1.74 -13.93 12.02
CA SER A 6 1.27 -14.96 11.09
C SER A 6 -0.26 -14.97 11.03
N GLY A 7 -0.80 -14.58 9.88
CA GLY A 7 -2.24 -14.55 9.71
C GLY A 7 -2.82 -13.17 9.89
N THR A 8 -4.00 -12.94 9.29
CA THR A 8 -4.65 -11.64 9.38
C THR A 8 -6.06 -11.70 8.79
N GLY A 9 -6.99 -10.98 9.43
CA GLY A 9 -8.36 -10.97 8.95
C GLY A 9 -8.50 -10.24 7.63
N LYS A 10 -9.30 -10.81 6.73
CA LYS A 10 -9.51 -10.22 5.41
C LYS A 10 -9.96 -8.77 5.55
N LYS A 11 -9.82 -8.00 4.46
CA LYS A 11 -10.21 -6.60 4.46
C LYS A 11 -10.89 -6.23 3.14
N PRO A 12 -11.63 -5.12 3.16
CA PRO A 12 -12.35 -4.64 1.96
C PRO A 12 -11.39 -4.11 0.90
N TYR A 13 -10.30 -3.49 1.33
CA TYR A 13 -9.31 -2.94 0.42
C TYR A 13 -7.90 -3.17 0.93
N GLU A 14 -7.01 -3.61 0.04
CA GLU A 14 -5.63 -3.88 0.40
C GLU A 14 -4.71 -3.72 -0.80
N CYS A 15 -3.83 -2.71 -0.75
CA CYS A 15 -2.91 -2.46 -1.84
C CYS A 15 -2.14 -3.72 -2.21
N ILE A 16 -1.87 -3.88 -3.51
CA ILE A 16 -1.15 -5.05 -4.00
C ILE A 16 0.30 -4.69 -4.35
N GLU A 17 0.51 -3.43 -4.71
CA GLU A 17 1.84 -2.96 -5.07
C GLU A 17 2.84 -3.25 -3.96
N CYS A 18 2.41 -3.06 -2.72
CA CYS A 18 3.26 -3.30 -1.56
C CYS A 18 2.59 -4.24 -0.57
N GLY A 19 1.28 -4.08 -0.41
CA GLY A 19 0.54 -4.92 0.50
C GLY A 19 -0.20 -4.12 1.55
N LYS A 20 -0.30 -2.82 1.34
CA LYS A 20 -0.99 -1.93 2.28
C LYS A 20 -2.39 -2.46 2.58
N ALA A 21 -2.93 -2.04 3.73
CA ALA A 21 -4.27 -2.46 4.12
C ALA A 21 -5.14 -1.26 4.50
N PHE A 22 -6.43 -1.35 4.21
CA PHE A 22 -7.36 -0.27 4.52
C PHE A 22 -8.74 -0.82 4.83
N ILE A 23 -9.66 0.06 5.21
CA ILE A 23 -11.02 -0.33 5.54
C ILE A 23 -12.03 0.29 4.58
N GLN A 24 -11.64 1.42 4.00
CA GLN A 24 -12.51 2.13 3.06
C GLN A 24 -11.88 2.16 1.67
N ASN A 25 -12.68 2.55 0.68
CA ASN A 25 -12.21 2.63 -0.70
C ASN A 25 -11.26 3.82 -0.88
N THR A 26 -11.74 5.01 -0.53
CA THR A 26 -10.94 6.22 -0.66
C THR A 26 -9.60 6.07 0.07
N SER A 27 -9.61 5.32 1.16
CA SER A 27 -8.40 5.10 1.95
C SER A 27 -7.36 4.34 1.13
N LEU A 28 -7.82 3.54 0.19
CA LEU A 28 -6.93 2.76 -0.66
C LEU A 28 -6.36 3.61 -1.80
N ILE A 29 -7.25 4.22 -2.57
CA ILE A 29 -6.85 5.07 -3.68
C ILE A 29 -5.83 6.11 -3.24
N ARG A 30 -6.02 6.64 -2.03
CA ARG A 30 -5.12 7.65 -1.49
C ARG A 30 -3.66 7.18 -1.57
N HIS A 31 -3.35 6.10 -0.84
CA HIS A 31 -2.01 5.54 -0.84
C HIS A 31 -1.50 5.31 -2.27
N TRP A 32 -2.42 4.94 -3.15
CA TRP A 32 -2.07 4.69 -4.54
C TRP A 32 -1.55 5.95 -5.22
N ARG A 33 -2.12 7.09 -4.84
CA ARG A 33 -1.72 8.37 -5.40
C ARG A 33 -1.14 9.30 -4.33
N TYR A 34 -0.43 8.71 -3.37
CA TYR A 34 0.17 9.47 -2.28
C TYR A 34 1.67 9.23 -2.22
N TYR A 35 2.06 7.96 -2.31
CA TYR A 35 3.48 7.60 -2.26
C TYR A 35 3.91 6.91 -3.55
N HIS A 36 3.07 6.01 -4.04
CA HIS A 36 3.37 5.28 -5.27
C HIS A 36 3.49 6.24 -6.45
N THR A 37 2.36 6.78 -6.89
CA THR A 37 2.35 7.71 -8.01
C THR A 37 2.36 9.15 -7.53
N GLY A 38 2.90 9.36 -6.34
CA GLY A 38 2.98 10.71 -5.78
C GLY A 38 4.36 11.31 -5.87
N GLU A 39 4.85 11.84 -4.76
CA GLU A 39 6.17 12.45 -4.72
C GLU A 39 7.26 11.38 -4.59
N LYS A 40 8.41 11.65 -5.18
CA LYS A 40 9.53 10.71 -5.13
C LYS A 40 9.09 9.33 -5.59
N PRO A 41 8.88 9.18 -6.91
CA PRO A 41 8.47 7.90 -7.51
C PRO A 41 9.58 6.85 -7.47
N SER A 42 10.82 7.31 -7.58
CA SER A 42 11.97 6.41 -7.56
C SER A 42 12.76 6.56 -6.27
N GLY A 43 12.52 5.65 -5.32
CA GLY A 43 13.20 5.71 -4.05
C GLY A 43 13.11 4.40 -3.28
N PRO A 44 11.91 4.13 -2.72
CA PRO A 44 11.67 2.91 -1.95
C PRO A 44 11.65 1.66 -2.83
N SER A 45 12.21 0.56 -2.32
CA SER A 45 12.26 -0.68 -3.06
C SER A 45 11.54 -1.80 -2.30
N SER A 46 10.55 -1.40 -1.51
CA SER A 46 9.77 -2.36 -0.73
C SER A 46 9.20 -3.46 -1.62
N GLY A 47 8.78 -4.55 -0.99
CA GLY A 47 8.22 -5.66 -1.75
C GLY A 47 6.71 -5.58 -1.88
ZN ZN B . 1.15 0.24 -2.02
N GLY A 1 7.64 1.08 -0.75
CA GLY A 1 8.59 1.61 0.23
C GLY A 1 8.64 0.78 1.49
N SER A 2 7.46 0.42 2.00
CA SER A 2 7.37 -0.37 3.22
C SER A 2 6.61 -1.67 2.98
N SER A 3 6.77 -2.61 3.90
CA SER A 3 6.11 -3.91 3.77
C SER A 3 5.50 -4.34 5.11
N GLY A 4 4.29 -4.89 5.05
CA GLY A 4 3.62 -5.34 6.26
C GLY A 4 4.27 -6.57 6.87
N SER A 5 4.50 -6.53 8.17
CA SER A 5 5.13 -7.64 8.87
C SER A 5 4.07 -8.54 9.52
N SER A 6 3.00 -7.92 10.00
CA SER A 6 1.92 -8.67 10.65
C SER A 6 0.57 -8.31 10.02
N GLY A 7 0.13 -9.14 9.10
CA GLY A 7 -1.15 -8.90 8.43
C GLY A 7 -1.94 -10.18 8.24
N THR A 8 -2.88 -10.43 9.15
CA THR A 8 -3.72 -11.62 9.08
C THR A 8 -5.20 -11.26 9.10
N GLY A 9 -5.94 -11.72 8.10
CA GLY A 9 -7.36 -11.43 8.04
C GLY A 9 -7.79 -10.93 6.68
N LYS A 10 -9.10 -10.76 6.50
CA LYS A 10 -9.64 -10.28 5.22
C LYS A 10 -10.12 -8.84 5.36
N LYS A 11 -9.80 -8.03 4.36
CA LYS A 11 -10.20 -6.62 4.35
C LYS A 11 -10.88 -6.25 3.05
N PRO A 12 -11.64 -5.15 3.06
CA PRO A 12 -12.36 -4.67 1.88
C PRO A 12 -11.42 -4.12 0.81
N TYR A 13 -10.32 -3.50 1.25
CA TYR A 13 -9.35 -2.94 0.34
C TYR A 13 -7.93 -3.12 0.88
N GLU A 14 -7.03 -3.59 0.01
CA GLU A 14 -5.64 -3.81 0.40
C GLU A 14 -4.71 -3.66 -0.81
N CYS A 15 -3.82 -2.69 -0.74
CA CYS A 15 -2.87 -2.45 -1.82
C CYS A 15 -2.14 -3.74 -2.21
N ILE A 16 -1.88 -3.90 -3.50
CA ILE A 16 -1.19 -5.09 -4.00
C ILE A 16 0.27 -4.78 -4.32
N GLU A 17 0.53 -3.52 -4.66
CA GLU A 17 1.88 -3.10 -5.00
C GLU A 17 2.86 -3.42 -3.87
N CYS A 18 2.40 -3.26 -2.63
CA CYS A 18 3.22 -3.54 -1.46
C CYS A 18 2.50 -4.49 -0.50
N GLY A 19 1.19 -4.28 -0.35
CA GLY A 19 0.42 -5.12 0.54
C GLY A 19 -0.33 -4.32 1.59
N LYS A 20 -0.38 -3.00 1.40
CA LYS A 20 -1.07 -2.12 2.34
C LYS A 20 -2.48 -2.61 2.62
N ALA A 21 -3.04 -2.20 3.75
CA ALA A 21 -4.38 -2.60 4.14
C ALA A 21 -5.24 -1.39 4.49
N PHE A 22 -6.52 -1.44 4.13
CA PHE A 22 -7.43 -0.34 4.41
C PHE A 22 -8.84 -0.88 4.69
N ILE A 23 -9.73 0.02 5.13
CA ILE A 23 -11.10 -0.35 5.43
C ILE A 23 -12.07 0.32 4.47
N GLN A 24 -11.65 1.44 3.90
CA GLN A 24 -12.49 2.18 2.97
C GLN A 24 -11.88 2.18 1.57
N ASN A 25 -12.65 2.66 0.59
CA ASN A 25 -12.18 2.71 -0.78
C ASN A 25 -11.24 3.90 -1.00
N THR A 26 -11.67 5.08 -0.55
CA THR A 26 -10.88 6.28 -0.68
C THR A 26 -9.54 6.15 0.04
N SER A 27 -9.55 5.45 1.17
CA SER A 27 -8.34 5.26 1.96
C SER A 27 -7.30 4.48 1.16
N LEU A 28 -7.77 3.67 0.22
CA LEU A 28 -6.88 2.86 -0.62
C LEU A 28 -6.26 3.72 -1.72
N ILE A 29 -7.10 4.37 -2.51
CA ILE A 29 -6.64 5.22 -3.60
C ILE A 29 -5.59 6.22 -3.10
N ARG A 30 -5.78 6.71 -1.88
CA ARG A 30 -4.86 7.67 -1.30
C ARG A 30 -3.41 7.17 -1.38
N HIS A 31 -3.14 6.07 -0.69
CA HIS A 31 -1.80 5.49 -0.68
C HIS A 31 -1.30 5.28 -2.10
N TRP A 32 -2.21 4.92 -3.01
CA TRP A 32 -1.85 4.70 -4.40
C TRP A 32 -1.31 5.97 -5.04
N ARG A 33 -1.90 7.10 -4.67
CA ARG A 33 -1.49 8.40 -5.20
C ARG A 33 -0.85 9.26 -4.12
N TYR A 34 -0.17 8.61 -3.18
CA TYR A 34 0.49 9.32 -2.09
C TYR A 34 1.99 9.02 -2.07
N TYR A 35 2.33 7.76 -1.79
CA TYR A 35 3.73 7.34 -1.74
C TYR A 35 4.16 6.73 -3.07
N HIS A 36 3.32 5.85 -3.60
CA HIS A 36 3.62 5.19 -4.87
C HIS A 36 3.79 6.21 -5.99
N THR A 37 2.68 6.83 -6.40
CA THR A 37 2.70 7.83 -7.46
C THR A 37 2.00 9.10 -7.03
N GLY A 38 2.09 10.13 -7.86
CA GLY A 38 1.46 11.40 -7.56
C GLY A 38 1.41 12.34 -8.75
N GLU A 39 0.77 13.49 -8.57
CA GLU A 39 0.66 14.47 -9.64
C GLU A 39 1.42 15.76 -9.28
N LYS A 40 2.53 15.60 -8.58
CA LYS A 40 3.34 16.74 -8.16
C LYS A 40 4.82 16.38 -8.12
N PRO A 41 5.42 16.23 -9.30
CA PRO A 41 6.84 15.87 -9.43
C PRO A 41 7.77 17.01 -8.99
N SER A 42 7.28 18.24 -9.10
CA SER A 42 8.06 19.41 -8.72
C SER A 42 8.08 19.57 -7.20
N GLY A 43 8.97 18.82 -6.55
CA GLY A 43 9.08 18.89 -5.10
C GLY A 43 10.22 18.05 -4.57
N PRO A 44 10.53 18.21 -3.28
CA PRO A 44 11.60 17.47 -2.61
C PRO A 44 11.28 15.99 -2.45
N SER A 45 10.00 15.66 -2.59
CA SER A 45 9.55 14.28 -2.45
C SER A 45 9.70 13.53 -3.77
N SER A 46 10.44 12.41 -3.73
CA SER A 46 10.67 11.61 -4.93
C SER A 46 9.53 10.61 -5.13
N GLY A 47 8.95 10.16 -4.02
CA GLY A 47 7.86 9.20 -4.09
C GLY A 47 8.25 7.84 -3.56
ZN ZN B . 1.25 0.12 -1.94
N GLY A 1 17.70 -11.96 15.79
CA GLY A 1 16.59 -12.04 14.86
C GLY A 1 15.44 -12.87 15.40
N SER A 2 14.21 -12.46 15.08
CA SER A 2 13.03 -13.16 15.55
C SER A 2 11.81 -12.80 14.70
N SER A 3 11.25 -13.80 14.04
CA SER A 3 10.08 -13.58 13.18
C SER A 3 8.86 -14.32 13.74
N GLY A 4 7.70 -14.09 13.12
CA GLY A 4 6.49 -14.73 13.56
C GLY A 4 5.27 -13.84 13.42
N SER A 5 4.39 -14.18 12.48
CA SER A 5 3.19 -13.40 12.24
C SER A 5 2.21 -14.17 11.35
N SER A 6 0.92 -13.84 11.46
CA SER A 6 -0.11 -14.50 10.68
C SER A 6 -1.21 -13.51 10.31
N GLY A 7 -2.10 -13.94 9.41
CA GLY A 7 -3.20 -13.09 8.99
C GLY A 7 -4.40 -13.88 8.51
N THR A 8 -5.31 -14.18 9.42
CA THR A 8 -6.51 -14.94 9.08
C THR A 8 -7.64 -14.02 8.62
N GLY A 9 -7.64 -12.79 9.12
CA GLY A 9 -8.66 -11.83 8.75
C GLY A 9 -8.35 -11.13 7.45
N LYS A 10 -9.39 -10.72 6.73
CA LYS A 10 -9.24 -10.04 5.45
C LYS A 10 -9.91 -8.67 5.48
N LYS A 11 -9.41 -7.76 4.64
CA LYS A 11 -9.98 -6.42 4.57
C LYS A 11 -10.64 -6.19 3.21
N PRO A 12 -11.51 -5.17 3.15
CA PRO A 12 -12.24 -4.82 1.92
C PRO A 12 -11.32 -4.21 0.88
N TYR A 13 -10.30 -3.47 1.33
CA TYR A 13 -9.35 -2.85 0.42
C TYR A 13 -7.92 -3.00 0.93
N GLU A 14 -7.04 -3.50 0.08
CA GLU A 14 -5.65 -3.70 0.45
C GLU A 14 -4.74 -3.57 -0.77
N CYS A 15 -3.83 -2.60 -0.73
CA CYS A 15 -2.91 -2.36 -1.83
C CYS A 15 -2.19 -3.65 -2.21
N ILE A 16 -1.97 -3.84 -3.51
CA ILE A 16 -1.29 -5.03 -4.01
C ILE A 16 0.16 -4.72 -4.38
N GLU A 17 0.42 -3.47 -4.75
CA GLU A 17 1.76 -3.05 -5.12
C GLU A 17 2.76 -3.31 -4.00
N CYS A 18 2.25 -3.30 -2.76
CA CYS A 18 3.09 -3.54 -1.60
C CYS A 18 2.40 -4.48 -0.61
N GLY A 19 1.11 -4.27 -0.42
CA GLY A 19 0.35 -5.11 0.49
C GLY A 19 -0.36 -4.30 1.56
N LYS A 20 -0.44 -3.00 1.36
CA LYS A 20 -1.11 -2.11 2.31
C LYS A 20 -2.51 -2.60 2.62
N ALA A 21 -3.03 -2.20 3.78
CA ALA A 21 -4.37 -2.60 4.20
C ALA A 21 -5.21 -1.39 4.58
N PHE A 22 -6.51 -1.45 4.28
CA PHE A 22 -7.41 -0.35 4.59
C PHE A 22 -8.81 -0.88 4.92
N ILE A 23 -9.72 0.04 5.19
CA ILE A 23 -11.10 -0.33 5.52
C ILE A 23 -12.08 0.25 4.51
N GLN A 24 -11.74 1.41 3.96
CA GLN A 24 -12.60 2.06 2.98
C GLN A 24 -11.93 2.10 1.61
N ASN A 25 -12.70 2.46 0.59
CA ASN A 25 -12.18 2.54 -0.78
C ASN A 25 -11.27 3.76 -0.95
N THR A 26 -11.79 4.93 -0.61
CA THR A 26 -11.03 6.17 -0.73
C THR A 26 -9.70 6.06 0.01
N SER A 27 -9.69 5.30 1.09
CA SER A 27 -8.47 5.12 1.89
C SER A 27 -7.40 4.38 1.08
N LEU A 28 -7.84 3.46 0.23
CA LEU A 28 -6.91 2.69 -0.60
C LEU A 28 -6.35 3.55 -1.72
N ILE A 29 -7.23 4.17 -2.49
CA ILE A 29 -6.82 5.03 -3.60
C ILE A 29 -5.79 6.06 -3.14
N ARG A 30 -5.97 6.57 -1.93
CA ARG A 30 -5.06 7.57 -1.38
C ARG A 30 -3.62 7.09 -1.47
N HIS A 31 -3.31 6.00 -0.77
CA HIS A 31 -1.97 5.43 -0.77
C HIS A 31 -1.47 5.23 -2.20
N TRP A 32 -2.39 4.92 -3.11
CA TRP A 32 -2.04 4.70 -4.50
C TRP A 32 -1.50 5.97 -5.15
N ARG A 33 -2.09 7.10 -4.77
CA ARG A 33 -1.67 8.39 -5.32
C ARG A 33 -1.06 9.26 -4.22
N TYR A 34 -0.35 8.63 -3.29
CA TYR A 34 0.28 9.35 -2.19
C TYR A 34 1.78 9.09 -2.16
N TYR A 35 2.16 7.83 -1.94
CA TYR A 35 3.56 7.45 -1.89
C TYR A 35 4.01 6.82 -3.21
N HIS A 36 3.18 5.93 -3.73
CA HIS A 36 3.48 5.25 -5.00
C HIS A 36 3.68 6.26 -6.12
N THR A 37 2.61 6.94 -6.50
CA THR A 37 2.66 7.94 -7.56
C THR A 37 2.57 9.34 -7.00
N GLY A 38 3.00 10.32 -7.79
CA GLY A 38 2.97 11.70 -7.35
C GLY A 38 4.28 12.43 -7.58
N GLU A 39 4.33 13.70 -7.19
CA GLU A 39 5.53 14.50 -7.37
C GLU A 39 5.85 15.31 -6.12
N LYS A 40 5.64 14.68 -4.96
CA LYS A 40 5.89 15.34 -3.68
C LYS A 40 7.38 15.61 -3.50
N PRO A 41 7.71 16.54 -2.59
CA PRO A 41 9.09 16.91 -2.30
C PRO A 41 9.85 15.80 -1.56
N SER A 42 10.31 14.81 -2.32
CA SER A 42 11.03 13.69 -1.74
C SER A 42 12.20 14.17 -0.88
N GLY A 43 13.11 14.93 -1.50
CA GLY A 43 14.25 15.46 -0.78
C GLY A 43 15.26 16.11 -1.71
N PRO A 44 15.99 15.29 -2.47
CA PRO A 44 17.00 15.77 -3.42
C PRO A 44 16.39 16.49 -4.60
N SER A 45 17.25 17.03 -5.47
CA SER A 45 16.79 17.74 -6.65
C SER A 45 15.99 16.83 -7.58
N SER A 46 14.97 17.39 -8.21
CA SER A 46 14.12 16.63 -9.12
C SER A 46 13.83 17.41 -10.39
N GLY A 47 14.11 16.80 -11.54
CA GLY A 47 13.87 17.45 -12.81
C GLY A 47 12.84 16.74 -13.66
ZN ZN B . 1.21 0.24 -2.09
N GLY A 1 8.96 -15.14 -1.93
CA GLY A 1 9.09 -15.87 -0.68
C GLY A 1 8.27 -15.27 0.44
N SER A 2 8.39 -15.83 1.64
CA SER A 2 7.64 -15.34 2.79
C SER A 2 8.01 -13.89 3.10
N SER A 3 7.01 -13.10 3.47
CA SER A 3 7.23 -11.70 3.78
C SER A 3 6.52 -11.31 5.09
N GLY A 4 5.24 -11.66 5.18
CA GLY A 4 4.48 -11.35 6.37
C GLY A 4 3.00 -11.64 6.21
N SER A 5 2.50 -11.51 4.99
CA SER A 5 1.10 -11.75 4.70
C SER A 5 0.74 -13.22 4.92
N SER A 6 -0.09 -13.49 5.92
CA SER A 6 -0.50 -14.85 6.24
C SER A 6 -1.93 -15.11 5.79
N GLY A 7 -2.37 -16.35 5.89
CA GLY A 7 -3.72 -16.71 5.49
C GLY A 7 -4.76 -15.93 6.23
N THR A 8 -4.54 -15.71 7.53
CA THR A 8 -5.48 -14.98 8.37
C THR A 8 -5.57 -13.51 7.92
N GLY A 9 -6.49 -12.77 8.54
CA GLY A 9 -6.66 -11.37 8.19
C GLY A 9 -7.37 -11.19 6.88
N LYS A 10 -8.32 -10.26 6.84
CA LYS A 10 -9.09 -9.98 5.63
C LYS A 10 -9.71 -8.59 5.69
N LYS A 11 -9.45 -7.79 4.66
CA LYS A 11 -9.98 -6.44 4.58
C LYS A 11 -10.66 -6.19 3.24
N PRO A 12 -11.52 -5.16 3.19
CA PRO A 12 -12.24 -4.80 1.96
C PRO A 12 -11.33 -4.21 0.90
N TYR A 13 -10.30 -3.49 1.34
CA TYR A 13 -9.34 -2.87 0.43
C TYR A 13 -7.92 -3.03 0.94
N GLU A 14 -7.04 -3.53 0.08
CA GLU A 14 -5.64 -3.73 0.45
C GLU A 14 -4.73 -3.59 -0.77
N CYS A 15 -3.84 -2.61 -0.73
CA CYS A 15 -2.92 -2.37 -1.83
C CYS A 15 -2.18 -3.66 -2.22
N ILE A 16 -1.96 -3.84 -3.51
CA ILE A 16 -1.26 -5.03 -4.01
C ILE A 16 0.18 -4.71 -4.38
N GLU A 17 0.43 -3.46 -4.74
CA GLU A 17 1.77 -3.02 -5.12
C GLU A 17 2.76 -3.26 -3.99
N CYS A 18 2.25 -3.30 -2.77
CA CYS A 18 3.09 -3.52 -1.59
C CYS A 18 2.41 -4.46 -0.61
N GLY A 19 1.10 -4.26 -0.42
CA GLY A 19 0.35 -5.10 0.51
C GLY A 19 -0.36 -4.29 1.57
N LYS A 20 -0.45 -2.98 1.36
CA LYS A 20 -1.11 -2.09 2.30
C LYS A 20 -2.51 -2.58 2.62
N ALA A 21 -3.03 -2.18 3.78
CA ALA A 21 -4.37 -2.59 4.20
C ALA A 21 -5.21 -1.37 4.57
N PHE A 22 -6.51 -1.44 4.27
CA PHE A 22 -7.43 -0.35 4.56
C PHE A 22 -8.81 -0.87 4.90
N ILE A 23 -9.74 0.04 5.20
CA ILE A 23 -11.10 -0.33 5.53
C ILE A 23 -12.09 0.23 4.53
N GLN A 24 -11.75 1.39 3.96
CA GLN A 24 -12.61 2.03 2.98
C GLN A 24 -11.94 2.07 1.60
N ASN A 25 -12.70 2.48 0.59
CA ASN A 25 -12.17 2.56 -0.76
C ASN A 25 -11.27 3.77 -0.92
N THR A 26 -11.78 4.95 -0.56
CA THR A 26 -11.01 6.19 -0.65
C THR A 26 -9.69 6.07 0.09
N SER A 27 -9.67 5.26 1.14
CA SER A 27 -8.47 5.07 1.94
C SER A 27 -7.40 4.32 1.15
N LEU A 28 -7.83 3.48 0.22
CA LEU A 28 -6.93 2.71 -0.62
C LEU A 28 -6.36 3.55 -1.75
N ILE A 29 -7.26 4.17 -2.52
CA ILE A 29 -6.84 5.02 -3.62
C ILE A 29 -5.82 6.05 -3.18
N ARG A 30 -6.00 6.58 -1.98
CA ARG A 30 -5.08 7.58 -1.42
C ARG A 30 -3.64 7.09 -1.51
N HIS A 31 -3.34 6.01 -0.82
CA HIS A 31 -1.99 5.44 -0.80
C HIS A 31 -1.49 5.23 -2.23
N TRP A 32 -2.40 4.91 -3.13
CA TRP A 32 -2.05 4.68 -4.53
C TRP A 32 -1.52 5.95 -5.18
N ARG A 33 -2.10 7.09 -4.82
CA ARG A 33 -1.68 8.37 -5.36
C ARG A 33 -1.08 9.25 -4.28
N TYR A 34 -0.38 8.63 -3.34
CA TYR A 34 0.25 9.36 -2.24
C TYR A 34 1.75 9.10 -2.20
N TYR A 35 2.12 7.85 -1.98
CA TYR A 35 3.52 7.46 -1.91
C TYR A 35 3.97 6.83 -3.23
N HIS A 36 3.14 5.95 -3.77
CA HIS A 36 3.46 5.27 -5.02
C HIS A 36 3.65 6.27 -6.15
N THR A 37 2.58 6.96 -6.52
CA THR A 37 2.63 7.95 -7.58
C THR A 37 2.51 9.37 -7.03
N GLY A 38 3.29 10.29 -7.58
CA GLY A 38 3.26 11.67 -7.12
C GLY A 38 4.46 12.46 -7.60
N GLU A 39 5.27 12.94 -6.66
CA GLU A 39 6.45 13.73 -7.00
C GLU A 39 7.65 12.82 -7.24
N LYS A 40 7.73 12.27 -8.46
CA LYS A 40 8.84 11.39 -8.81
C LYS A 40 8.83 10.13 -7.95
N PRO A 41 9.52 9.08 -8.44
CA PRO A 41 9.60 7.80 -7.72
C PRO A 41 10.45 7.90 -6.47
N SER A 42 11.24 8.97 -6.37
CA SER A 42 12.10 9.18 -5.20
C SER A 42 12.97 7.95 -4.96
N GLY A 43 13.73 7.54 -5.97
CA GLY A 43 14.60 6.39 -5.84
C GLY A 43 15.08 5.88 -7.18
N PRO A 44 15.92 6.67 -7.86
CA PRO A 44 16.47 6.32 -9.17
C PRO A 44 17.48 5.19 -9.07
N SER A 45 17.32 4.17 -9.93
CA SER A 45 18.21 3.03 -9.94
C SER A 45 18.18 2.33 -11.29
N SER A 46 19.17 1.46 -11.54
CA SER A 46 19.25 0.74 -12.79
C SER A 46 19.32 -0.77 -12.54
N GLY A 47 18.49 -1.24 -11.62
CA GLY A 47 18.47 -2.66 -11.29
C GLY A 47 17.97 -3.51 -12.45
ZN ZN B . 1.18 0.24 -2.10
N GLY A 1 19.29 -4.68 8.68
CA GLY A 1 18.58 -3.44 8.46
C GLY A 1 17.09 -3.56 8.71
N SER A 2 16.43 -4.40 7.91
CA SER A 2 15.00 -4.60 8.04
C SER A 2 14.55 -5.84 7.27
N SER A 3 13.82 -6.72 7.96
CA SER A 3 13.34 -7.95 7.34
C SER A 3 11.92 -7.78 6.81
N GLY A 4 11.35 -8.87 6.30
CA GLY A 4 10.00 -8.80 5.77
C GLY A 4 9.12 -9.92 6.30
N SER A 5 7.83 -9.64 6.46
CA SER A 5 6.89 -10.62 6.98
C SER A 5 5.57 -10.55 6.21
N SER A 6 4.84 -11.66 6.18
CA SER A 6 3.56 -11.72 5.50
C SER A 6 2.55 -12.54 6.29
N GLY A 7 1.31 -12.05 6.35
CA GLY A 7 0.27 -12.75 7.09
C GLY A 7 -1.01 -12.87 6.29
N THR A 8 -2.14 -12.75 6.98
CA THR A 8 -3.45 -12.85 6.33
C THR A 8 -4.17 -11.51 6.33
N GLY A 9 -4.54 -11.04 5.15
CA GLY A 9 -5.23 -9.77 5.03
C GLY A 9 -6.70 -9.95 4.72
N LYS A 10 -7.54 -9.85 5.75
CA LYS A 10 -8.98 -9.99 5.58
C LYS A 10 -9.68 -8.63 5.61
N LYS A 11 -9.26 -7.74 4.72
CA LYS A 11 -9.84 -6.40 4.64
C LYS A 11 -10.51 -6.19 3.29
N PRO A 12 -11.42 -5.19 3.23
CA PRO A 12 -12.15 -4.85 2.02
C PRO A 12 -11.24 -4.23 0.96
N TYR A 13 -10.25 -3.48 1.40
CA TYR A 13 -9.31 -2.84 0.49
C TYR A 13 -7.87 -2.98 0.98
N GLU A 14 -7.01 -3.51 0.12
CA GLU A 14 -5.60 -3.71 0.47
C GLU A 14 -4.71 -3.58 -0.77
N CYS A 15 -3.82 -2.61 -0.75
CA CYS A 15 -2.91 -2.38 -1.87
C CYS A 15 -2.19 -3.67 -2.24
N ILE A 16 -1.97 -3.86 -3.54
CA ILE A 16 -1.29 -5.05 -4.02
C ILE A 16 0.16 -4.73 -4.42
N GLU A 17 0.39 -3.48 -4.79
CA GLU A 17 1.73 -3.05 -5.19
C GLU A 17 2.74 -3.31 -4.07
N CYS A 18 2.29 -3.19 -2.83
CA CYS A 18 3.15 -3.42 -1.68
C CYS A 18 2.48 -4.35 -0.67
N GLY A 19 1.18 -4.16 -0.48
CA GLY A 19 0.44 -5.00 0.46
C GLY A 19 -0.28 -4.19 1.52
N LYS A 20 -0.36 -2.88 1.29
CA LYS A 20 -1.03 -1.98 2.23
C LYS A 20 -2.42 -2.49 2.57
N ALA A 21 -2.95 -2.07 3.72
CA ALA A 21 -4.27 -2.49 4.16
C ALA A 21 -5.12 -1.29 4.55
N PHE A 22 -6.42 -1.36 4.28
CA PHE A 22 -7.34 -0.28 4.60
C PHE A 22 -8.72 -0.82 4.96
N ILE A 23 -9.66 0.09 5.19
CA ILE A 23 -11.03 -0.30 5.53
C ILE A 23 -12.03 0.24 4.52
N GLN A 24 -11.75 1.43 4.00
CA GLN A 24 -12.62 2.06 3.02
C GLN A 24 -11.99 2.05 1.63
N ASN A 25 -12.70 2.60 0.65
CA ASN A 25 -12.20 2.66 -0.71
C ASN A 25 -11.30 3.87 -0.91
N THR A 26 -11.82 5.05 -0.61
CA THR A 26 -11.05 6.28 -0.75
C THR A 26 -9.70 6.18 -0.06
N SER A 27 -9.65 5.41 1.02
CA SER A 27 -8.43 5.23 1.78
C SER A 27 -7.37 4.50 0.94
N LEU A 28 -7.82 3.48 0.21
CA LEU A 28 -6.92 2.69 -0.63
C LEU A 28 -6.39 3.53 -1.78
N ILE A 29 -7.30 4.14 -2.55
CA ILE A 29 -6.91 4.96 -3.68
C ILE A 29 -5.89 6.02 -3.27
N ARG A 30 -6.06 6.57 -2.07
CA ARG A 30 -5.15 7.59 -1.56
C ARG A 30 -3.71 7.11 -1.65
N HIS A 31 -3.39 6.04 -0.93
CA HIS A 31 -2.04 5.48 -0.93
C HIS A 31 -1.56 5.24 -2.35
N TRP A 32 -2.48 4.94 -3.25
CA TRP A 32 -2.15 4.69 -4.65
C TRP A 32 -1.62 5.94 -5.32
N ARG A 33 -2.20 7.08 -4.96
CA ARG A 33 -1.79 8.36 -5.53
C ARG A 33 -1.18 9.27 -4.46
N TYR A 34 -0.46 8.66 -3.52
CA TYR A 34 0.15 9.41 -2.43
C TYR A 34 1.67 9.17 -2.40
N TYR A 35 2.04 7.91 -2.21
CA TYR A 35 3.45 7.53 -2.15
C TYR A 35 3.90 6.89 -3.45
N HIS A 36 3.08 5.97 -3.96
CA HIS A 36 3.38 5.26 -5.20
C HIS A 36 3.58 6.26 -6.34
N THR A 37 2.49 6.90 -6.75
CA THR A 37 2.54 7.88 -7.84
C THR A 37 2.48 9.30 -7.30
N GLY A 38 3.15 9.53 -6.18
CA GLY A 38 3.16 10.86 -5.59
C GLY A 38 4.55 11.29 -5.17
N GLU A 39 5.16 10.53 -4.27
CA GLU A 39 6.50 10.85 -3.79
C GLU A 39 7.33 9.58 -3.61
N LYS A 40 8.52 9.57 -4.20
CA LYS A 40 9.42 8.41 -4.11
C LYS A 40 10.51 8.66 -3.08
N PRO A 41 11.14 7.58 -2.61
CA PRO A 41 12.22 7.64 -1.62
C PRO A 41 13.50 8.24 -2.20
N SER A 42 14.56 8.24 -1.40
CA SER A 42 15.84 8.78 -1.84
C SER A 42 16.90 7.69 -1.92
N GLY A 43 16.76 6.68 -1.07
CA GLY A 43 17.72 5.59 -1.06
C GLY A 43 17.30 4.44 -1.96
N PRO A 44 18.08 3.36 -1.95
CA PRO A 44 17.80 2.16 -2.76
C PRO A 44 16.56 1.41 -2.28
N SER A 45 15.68 1.09 -3.22
CA SER A 45 14.45 0.37 -2.89
C SER A 45 14.23 -0.78 -3.87
N SER A 46 14.25 -2.00 -3.33
CA SER A 46 14.05 -3.20 -4.15
C SER A 46 12.77 -3.93 -3.75
N GLY A 47 11.90 -4.15 -4.73
CA GLY A 47 10.64 -4.84 -4.46
C GLY A 47 9.79 -4.99 -5.70
ZN ZN B . 1.17 0.27 -2.18
N GLY A 1 8.74 -5.78 0.88
CA GLY A 1 9.87 -6.59 0.49
C GLY A 1 10.86 -6.79 1.62
N SER A 2 11.24 -5.69 2.27
CA SER A 2 12.19 -5.74 3.37
C SER A 2 11.47 -5.91 4.70
N SER A 3 10.63 -4.93 5.04
CA SER A 3 9.87 -4.96 6.29
C SER A 3 8.56 -5.72 6.11
N GLY A 4 8.32 -6.69 7.00
CA GLY A 4 7.10 -7.48 6.92
C GLY A 4 5.95 -6.82 7.65
N SER A 5 4.87 -7.58 7.85
CA SER A 5 3.68 -7.06 8.54
C SER A 5 2.76 -8.20 8.95
N SER A 6 2.06 -8.01 10.06
CA SER A 6 1.14 -9.01 10.56
C SER A 6 -0.31 -8.61 10.32
N GLY A 7 -1.04 -9.42 9.56
CA GLY A 7 -2.43 -9.12 9.28
C GLY A 7 -3.34 -10.32 9.49
N THR A 8 -4.36 -10.13 10.31
CA THR A 8 -5.31 -11.20 10.61
C THR A 8 -6.70 -10.86 10.11
N GLY A 9 -7.25 -11.74 9.26
CA GLY A 9 -8.58 -11.51 8.72
C GLY A 9 -8.55 -10.77 7.40
N LYS A 10 -9.54 -11.02 6.56
CA LYS A 10 -9.63 -10.36 5.26
C LYS A 10 -10.12 -8.93 5.40
N LYS A 11 -9.79 -8.10 4.41
CA LYS A 11 -10.21 -6.71 4.42
C LYS A 11 -10.89 -6.33 3.11
N PRO A 12 -11.66 -5.23 3.14
CA PRO A 12 -12.38 -4.74 1.96
C PRO A 12 -11.44 -4.17 0.90
N TYR A 13 -10.34 -3.57 1.34
CA TYR A 13 -9.37 -2.99 0.43
C TYR A 13 -7.94 -3.20 0.95
N GLU A 14 -7.06 -3.65 0.07
CA GLU A 14 -5.67 -3.89 0.44
C GLU A 14 -4.75 -3.74 -0.77
N CYS A 15 -3.87 -2.74 -0.72
CA CYS A 15 -2.93 -2.49 -1.81
C CYS A 15 -2.18 -3.75 -2.18
N ILE A 16 -1.92 -3.93 -3.47
CA ILE A 16 -1.21 -5.09 -3.97
C ILE A 16 0.24 -4.76 -4.31
N GLU A 17 0.47 -3.50 -4.66
CA GLU A 17 1.81 -3.04 -5.01
C GLU A 17 2.81 -3.35 -3.91
N CYS A 18 2.38 -3.15 -2.66
CA CYS A 18 3.23 -3.41 -1.51
C CYS A 18 2.54 -4.36 -0.53
N GLY A 19 1.23 -4.18 -0.37
CA GLY A 19 0.47 -5.02 0.54
C GLY A 19 -0.27 -4.21 1.59
N LYS A 20 -0.36 -2.90 1.38
CA LYS A 20 -1.04 -2.02 2.32
C LYS A 20 -2.45 -2.53 2.62
N ALA A 21 -2.98 -2.12 3.76
CA ALA A 21 -4.32 -2.54 4.17
C ALA A 21 -5.19 -1.33 4.52
N PHE A 22 -6.46 -1.39 4.14
CA PHE A 22 -7.39 -0.30 4.40
C PHE A 22 -8.79 -0.84 4.69
N ILE A 23 -9.67 0.03 5.17
CA ILE A 23 -11.04 -0.35 5.50
C ILE A 23 -12.02 0.28 4.52
N GLN A 24 -11.62 1.40 3.93
CA GLN A 24 -12.48 2.10 2.97
C GLN A 24 -11.86 2.11 1.59
N ASN A 25 -12.59 2.66 0.61
CA ASN A 25 -12.10 2.73 -0.76
C ASN A 25 -11.18 3.93 -0.94
N THR A 26 -11.69 5.12 -0.62
CA THR A 26 -10.91 6.35 -0.76
C THR A 26 -9.57 6.23 -0.05
N SER A 27 -9.56 5.50 1.07
CA SER A 27 -8.35 5.31 1.85
C SER A 27 -7.29 4.55 1.05
N LEU A 28 -7.76 3.66 0.17
CA LEU A 28 -6.86 2.87 -0.66
C LEU A 28 -6.27 3.71 -1.78
N ILE A 29 -7.14 4.35 -2.56
CA ILE A 29 -6.70 5.20 -3.66
C ILE A 29 -5.65 6.21 -3.20
N ARG A 30 -5.84 6.73 -1.99
CA ARG A 30 -4.91 7.71 -1.43
C ARG A 30 -3.48 7.20 -1.51
N HIS A 31 -3.20 6.12 -0.79
CA HIS A 31 -1.86 5.54 -0.77
C HIS A 31 -1.36 5.30 -2.20
N TRP A 32 -2.25 4.87 -3.08
CA TRP A 32 -1.89 4.61 -4.46
C TRP A 32 -1.32 5.86 -5.13
N ARG A 33 -1.83 7.02 -4.72
CA ARG A 33 -1.37 8.29 -5.28
C ARG A 33 -0.76 9.16 -4.20
N TYR A 34 -0.08 8.53 -3.24
CA TYR A 34 0.56 9.24 -2.14
C TYR A 34 2.02 8.83 -2.00
N TYR A 35 2.25 7.54 -1.83
CA TYR A 35 3.61 7.01 -1.67
C TYR A 35 4.07 6.32 -2.96
N HIS A 36 3.12 5.89 -3.78
CA HIS A 36 3.43 5.23 -5.04
C HIS A 36 3.55 6.24 -6.17
N THR A 37 2.45 6.94 -6.45
CA THR A 37 2.43 7.93 -7.52
C THR A 37 2.09 9.32 -6.97
N GLY A 38 1.89 10.27 -7.88
CA GLY A 38 1.55 11.62 -7.47
C GLY A 38 2.78 12.52 -7.38
N GLU A 39 3.02 13.06 -6.20
CA GLU A 39 4.17 13.95 -5.99
C GLU A 39 5.47 13.25 -6.35
N LYS A 40 5.98 13.50 -7.55
CA LYS A 40 7.22 12.90 -8.02
C LYS A 40 8.16 13.96 -8.57
N PRO A 41 8.74 14.77 -7.68
CA PRO A 41 9.67 15.83 -8.06
C PRO A 41 11.01 15.28 -8.56
N SER A 42 11.50 14.25 -7.90
CA SER A 42 12.76 13.62 -8.28
C SER A 42 12.53 12.27 -8.94
N GLY A 43 12.51 12.26 -10.27
CA GLY A 43 12.29 11.02 -10.99
C GLY A 43 13.44 10.04 -10.83
N PRO A 44 14.58 10.34 -11.45
CA PRO A 44 15.78 9.50 -11.38
C PRO A 44 16.41 9.51 -10.00
N SER A 45 16.20 8.44 -9.23
CA SER A 45 16.76 8.34 -7.90
C SER A 45 18.27 8.14 -7.95
N SER A 46 19.01 9.18 -7.57
CA SER A 46 20.46 9.12 -7.57
C SER A 46 20.99 8.47 -6.30
N GLY A 47 21.21 7.16 -6.35
CA GLY A 47 21.71 6.45 -5.19
C GLY A 47 22.63 5.30 -5.56
ZN ZN B . 1.11 0.10 -1.97
N GLY A 1 5.32 -11.27 13.31
CA GLY A 1 3.95 -11.60 13.66
C GLY A 1 3.61 -13.05 13.36
N SER A 2 2.54 -13.53 13.97
CA SER A 2 2.12 -14.92 13.78
C SER A 2 0.73 -15.15 14.37
N SER A 3 -0.15 -15.78 13.59
CA SER A 3 -1.51 -16.07 14.03
C SER A 3 -2.13 -17.19 13.22
N GLY A 4 -3.18 -17.79 13.76
CA GLY A 4 -3.85 -18.87 13.06
C GLY A 4 -5.04 -19.41 13.83
N SER A 5 -5.79 -18.50 14.45
CA SER A 5 -6.97 -18.89 15.22
C SER A 5 -8.21 -18.17 14.70
N SER A 6 -9.38 -18.63 15.16
CA SER A 6 -10.64 -18.04 14.74
C SER A 6 -10.70 -16.57 15.12
N GLY A 7 -10.75 -15.71 14.11
CA GLY A 7 -10.82 -14.27 14.35
C GLY A 7 -10.36 -13.46 13.16
N THR A 8 -9.06 -13.55 12.85
CA THR A 8 -8.50 -12.81 11.73
C THR A 8 -9.14 -13.25 10.41
N GLY A 9 -9.10 -12.36 9.43
CA GLY A 9 -9.68 -12.66 8.12
C GLY A 9 -9.04 -11.88 7.01
N LYS A 10 -9.68 -10.79 6.59
CA LYS A 10 -9.16 -9.95 5.53
C LYS A 10 -9.95 -8.64 5.45
N LYS A 11 -9.40 -7.68 4.71
CA LYS A 11 -10.05 -6.38 4.54
C LYS A 11 -10.62 -6.23 3.13
N PRO A 12 -11.56 -5.29 2.98
CA PRO A 12 -12.20 -5.02 1.68
C PRO A 12 -11.25 -4.38 0.68
N TYR A 13 -10.32 -3.57 1.19
CA TYR A 13 -9.36 -2.89 0.34
C TYR A 13 -7.94 -3.09 0.87
N GLU A 14 -7.05 -3.56 0.00
CA GLU A 14 -5.66 -3.79 0.39
C GLU A 14 -4.74 -3.64 -0.82
N CYS A 15 -3.83 -2.68 -0.76
CA CYS A 15 -2.89 -2.43 -1.84
C CYS A 15 -2.16 -3.72 -2.23
N ILE A 16 -1.90 -3.88 -3.51
CA ILE A 16 -1.20 -5.06 -4.01
C ILE A 16 0.26 -4.75 -4.34
N GLU A 17 0.52 -3.50 -4.68
CA GLU A 17 1.88 -3.06 -5.02
C GLU A 17 2.85 -3.37 -3.87
N CYS A 18 2.34 -3.30 -2.65
CA CYS A 18 3.15 -3.57 -1.47
C CYS A 18 2.43 -4.51 -0.51
N GLY A 19 1.12 -4.30 -0.35
CA GLY A 19 0.34 -5.13 0.54
C GLY A 19 -0.40 -4.34 1.59
N LYS A 20 -0.46 -3.02 1.39
CA LYS A 20 -1.14 -2.14 2.33
C LYS A 20 -2.56 -2.62 2.61
N ALA A 21 -3.11 -2.22 3.74
CA ALA A 21 -4.47 -2.61 4.12
C ALA A 21 -5.30 -1.40 4.50
N PHE A 22 -6.59 -1.44 4.17
CA PHE A 22 -7.49 -0.34 4.48
C PHE A 22 -8.90 -0.86 4.76
N ILE A 23 -9.79 0.05 5.13
CA ILE A 23 -11.17 -0.33 5.44
C ILE A 23 -12.14 0.32 4.46
N GLN A 24 -11.72 1.45 3.87
CA GLN A 24 -12.56 2.16 2.92
C GLN A 24 -11.89 2.20 1.54
N ASN A 25 -12.64 2.66 0.55
CA ASN A 25 -12.13 2.74 -0.81
C ASN A 25 -11.25 3.98 -1.00
N THR A 26 -11.69 5.11 -0.44
CA THR A 26 -10.93 6.35 -0.54
C THR A 26 -9.59 6.23 0.18
N SER A 27 -9.54 5.39 1.21
CA SER A 27 -8.31 5.20 1.97
C SER A 27 -7.29 4.43 1.17
N LEU A 28 -7.76 3.61 0.22
CA LEU A 28 -6.89 2.82 -0.63
C LEU A 28 -6.27 3.68 -1.73
N ILE A 29 -7.13 4.33 -2.50
CA ILE A 29 -6.68 5.19 -3.60
C ILE A 29 -5.65 6.19 -3.11
N ARG A 30 -5.83 6.69 -1.90
CA ARG A 30 -4.90 7.66 -1.32
C ARG A 30 -3.47 7.15 -1.39
N HIS A 31 -3.20 6.05 -0.70
CA HIS A 31 -1.87 5.46 -0.68
C HIS A 31 -1.35 5.25 -2.10
N TRP A 32 -2.26 4.94 -3.02
CA TRP A 32 -1.90 4.71 -4.41
C TRP A 32 -1.36 5.99 -5.04
N ARG A 33 -1.95 7.13 -4.68
CA ARG A 33 -1.53 8.41 -5.22
C ARG A 33 -0.88 9.27 -4.13
N TYR A 34 -0.18 8.61 -3.21
CA TYR A 34 0.49 9.31 -2.12
C TYR A 34 1.99 9.02 -2.12
N TYR A 35 2.34 7.76 -1.84
CA TYR A 35 3.73 7.34 -1.81
C TYR A 35 4.16 6.74 -3.15
N HIS A 36 3.35 5.82 -3.66
CA HIS A 36 3.63 5.17 -4.93
C HIS A 36 3.81 6.20 -6.04
N THR A 37 2.70 6.80 -6.46
CA THR A 37 2.72 7.80 -7.51
C THR A 37 2.04 9.09 -7.07
N GLY A 38 2.28 10.17 -7.81
CA GLY A 38 1.70 11.45 -7.47
C GLY A 38 2.04 12.54 -8.47
N GLU A 39 1.82 13.79 -8.09
CA GLU A 39 2.11 14.92 -8.97
C GLU A 39 3.23 15.77 -8.39
N LYS A 40 4.20 15.12 -7.74
CA LYS A 40 5.33 15.82 -7.14
C LYS A 40 6.65 15.21 -7.61
N PRO A 41 7.74 15.98 -7.46
CA PRO A 41 9.08 15.54 -7.86
C PRO A 41 9.62 14.44 -6.95
N SER A 42 9.33 13.19 -7.30
CA SER A 42 9.79 12.05 -6.51
C SER A 42 10.91 11.29 -7.24
N GLY A 43 10.73 11.09 -8.54
CA GLY A 43 11.73 10.39 -9.32
C GLY A 43 11.12 9.40 -10.30
N PRO A 44 11.96 8.53 -10.87
CA PRO A 44 11.52 7.52 -11.83
C PRO A 44 10.66 6.43 -11.18
N SER A 45 9.49 6.21 -11.73
CA SER A 45 8.58 5.19 -11.20
C SER A 45 8.18 4.20 -12.30
N SER A 46 9.12 3.35 -12.68
CA SER A 46 8.88 2.36 -13.72
C SER A 46 8.62 0.98 -13.10
N GLY A 47 7.74 0.22 -13.74
CA GLY A 47 7.42 -1.11 -13.24
C GLY A 47 6.52 -1.07 -12.01
ZN ZN B . 1.23 0.16 -1.96
N GLY A 1 13.92 -27.41 6.70
CA GLY A 1 12.89 -26.59 6.11
C GLY A 1 11.97 -25.99 7.16
N SER A 2 11.43 -24.80 6.85
CA SER A 2 10.52 -24.13 7.77
C SER A 2 9.38 -23.46 7.02
N SER A 3 8.16 -23.64 7.51
CA SER A 3 6.98 -23.06 6.88
C SER A 3 6.33 -22.03 7.80
N GLY A 4 6.03 -20.85 7.25
CA GLY A 4 5.41 -19.80 8.02
C GLY A 4 5.19 -18.54 7.22
N SER A 5 3.93 -18.17 7.05
CA SER A 5 3.58 -16.97 6.28
C SER A 5 2.59 -16.11 7.06
N SER A 6 2.89 -14.81 7.14
CA SER A 6 2.02 -13.87 7.86
C SER A 6 0.91 -13.37 6.96
N GLY A 7 -0.01 -12.59 7.54
CA GLY A 7 -1.11 -12.06 6.77
C GLY A 7 -2.40 -12.82 7.00
N THR A 8 -2.94 -12.73 8.21
CA THR A 8 -4.17 -13.42 8.57
C THR A 8 -5.28 -12.43 8.92
N GLY A 9 -5.82 -11.77 7.90
CA GLY A 9 -6.88 -10.82 8.12
C GLY A 9 -7.53 -10.34 6.83
N LYS A 10 -8.81 -10.67 6.66
CA LYS A 10 -9.54 -10.28 5.46
C LYS A 10 -10.01 -8.82 5.56
N LYS A 11 -9.72 -8.04 4.53
CA LYS A 11 -10.12 -6.63 4.49
C LYS A 11 -10.83 -6.30 3.19
N PRO A 12 -11.61 -5.21 3.20
CA PRO A 12 -12.35 -4.76 2.02
C PRO A 12 -11.42 -4.20 0.93
N TYR A 13 -10.33 -3.59 1.35
CA TYR A 13 -9.37 -3.01 0.42
C TYR A 13 -7.94 -3.18 0.93
N GLU A 14 -7.06 -3.67 0.07
CA GLU A 14 -5.66 -3.88 0.44
C GLU A 14 -4.75 -3.73 -0.78
N CYS A 15 -3.88 -2.74 -0.74
CA CYS A 15 -2.95 -2.48 -1.84
C CYS A 15 -2.19 -3.75 -2.21
N ILE A 16 -1.93 -3.92 -3.51
CA ILE A 16 -1.21 -5.10 -3.99
C ILE A 16 0.22 -4.75 -4.34
N GLU A 17 0.45 -3.49 -4.72
CA GLU A 17 1.78 -3.03 -5.09
C GLU A 17 2.78 -3.32 -3.98
N CYS A 18 2.35 -3.13 -2.73
CA CYS A 18 3.20 -3.38 -1.58
C CYS A 18 2.52 -4.31 -0.58
N GLY A 19 1.22 -4.13 -0.41
CA GLY A 19 0.47 -4.97 0.52
C GLY A 19 -0.26 -4.16 1.56
N LYS A 20 -0.35 -2.85 1.34
CA LYS A 20 -1.03 -1.96 2.27
C LYS A 20 -2.44 -2.47 2.59
N ALA A 21 -2.97 -2.06 3.73
CA ALA A 21 -4.30 -2.47 4.15
C ALA A 21 -5.16 -1.27 4.52
N PHE A 22 -6.45 -1.36 4.22
CA PHE A 22 -7.38 -0.28 4.52
C PHE A 22 -8.77 -0.82 4.85
N ILE A 23 -9.66 0.07 5.27
CA ILE A 23 -11.02 -0.33 5.61
C ILE A 23 -12.03 0.27 4.64
N GLN A 24 -11.66 1.39 4.02
CA GLN A 24 -12.54 2.06 3.07
C GLN A 24 -11.91 2.07 1.68
N ASN A 25 -12.66 2.59 0.71
CA ASN A 25 -12.18 2.66 -0.68
C ASN A 25 -11.28 3.87 -0.87
N THR A 26 -11.78 5.05 -0.52
CA THR A 26 -11.02 6.28 -0.67
C THR A 26 -9.69 6.20 0.07
N SER A 27 -9.64 5.35 1.10
CA SER A 27 -8.42 5.17 1.88
C SER A 27 -7.37 4.41 1.09
N LEU A 28 -7.83 3.58 0.15
CA LEU A 28 -6.93 2.78 -0.67
C LEU A 28 -6.35 3.62 -1.82
N ILE A 29 -7.25 4.23 -2.59
CA ILE A 29 -6.83 5.06 -3.72
C ILE A 29 -5.80 6.10 -3.28
N ARG A 30 -5.99 6.65 -2.09
CA ARG A 30 -5.07 7.65 -1.55
C ARG A 30 -3.63 7.16 -1.63
N HIS A 31 -3.34 6.09 -0.91
CA HIS A 31 -1.99 5.52 -0.88
C HIS A 31 -1.48 5.29 -2.31
N TRP A 32 -2.38 4.86 -3.19
CA TRP A 32 -2.03 4.60 -4.57
C TRP A 32 -1.46 5.85 -5.24
N ARG A 33 -2.00 7.01 -4.88
CA ARG A 33 -1.55 8.27 -5.44
C ARG A 33 -0.94 9.16 -4.36
N TYR A 34 -0.23 8.54 -3.42
CA TYR A 34 0.40 9.27 -2.33
C TYR A 34 1.87 8.91 -2.21
N TYR A 35 2.14 7.65 -1.91
CA TYR A 35 3.51 7.17 -1.76
C TYR A 35 3.99 6.50 -3.04
N HIS A 36 3.05 5.97 -3.81
CA HIS A 36 3.37 5.29 -5.07
C HIS A 36 3.53 6.30 -6.20
N THR A 37 2.44 6.97 -6.54
CA THR A 37 2.46 7.97 -7.61
C THR A 37 2.15 9.36 -7.08
N GLY A 38 3.07 10.29 -7.31
CA GLY A 38 2.87 11.65 -6.86
C GLY A 38 4.15 12.46 -6.89
N GLU A 39 4.29 13.38 -5.93
CA GLU A 39 5.48 14.22 -5.85
C GLU A 39 6.62 13.49 -5.17
N LYS A 40 7.81 13.56 -5.76
CA LYS A 40 8.98 12.90 -5.21
C LYS A 40 8.73 11.42 -4.98
N PRO A 41 8.69 10.65 -6.08
CA PRO A 41 8.45 9.20 -6.03
C PRO A 41 9.63 8.44 -5.42
N SER A 42 9.34 7.66 -4.39
CA SER A 42 10.38 6.89 -3.71
C SER A 42 9.98 5.42 -3.60
N GLY A 43 10.98 4.54 -3.60
CA GLY A 43 10.70 3.11 -3.51
C GLY A 43 11.96 2.27 -3.64
N PRO A 44 11.85 0.98 -3.31
CA PRO A 44 12.98 0.05 -3.37
C PRO A 44 13.38 -0.26 -4.81
N SER A 45 14.36 0.48 -5.32
CA SER A 45 14.85 0.30 -6.68
C SER A 45 15.59 -1.02 -6.81
N SER A 46 16.36 -1.38 -5.77
CA SER A 46 17.13 -2.61 -5.78
C SER A 46 16.31 -3.76 -5.21
N GLY A 47 16.22 -4.85 -5.98
CA GLY A 47 15.46 -6.00 -5.55
C GLY A 47 14.55 -6.54 -6.63
ZN ZN B . 1.11 0.17 -2.06
N GLY A 1 -2.29 -11.63 -10.62
CA GLY A 1 -1.03 -12.13 -10.05
C GLY A 1 -0.89 -13.63 -10.22
N SER A 2 -0.81 -14.34 -9.09
CA SER A 2 -0.66 -15.79 -9.11
C SER A 2 -1.77 -16.46 -8.30
N SER A 3 -2.72 -17.06 -8.98
CA SER A 3 -3.84 -17.73 -8.33
C SER A 3 -3.37 -19.03 -7.66
N GLY A 4 -3.60 -19.13 -6.35
CA GLY A 4 -3.20 -20.30 -5.61
C GLY A 4 -3.63 -20.26 -4.17
N SER A 5 -2.69 -19.94 -3.29
CA SER A 5 -2.97 -19.87 -1.86
C SER A 5 -2.92 -18.43 -1.36
N SER A 6 -3.26 -17.50 -2.26
CA SER A 6 -3.26 -16.08 -1.91
C SER A 6 -4.46 -15.37 -2.54
N GLY A 7 -4.54 -14.06 -2.32
CA GLY A 7 -5.64 -13.28 -2.86
C GLY A 7 -5.90 -12.02 -2.09
N THR A 8 -6.66 -12.13 -1.00
CA THR A 8 -6.99 -10.98 -0.17
C THR A 8 -6.90 -11.33 1.32
N GLY A 9 -6.41 -10.39 2.12
CA GLY A 9 -6.28 -10.61 3.54
C GLY A 9 -7.62 -10.71 4.24
N LYS A 10 -7.89 -9.76 5.13
CA LYS A 10 -9.15 -9.75 5.87
C LYS A 10 -9.77 -8.34 5.84
N LYS A 11 -9.52 -7.61 4.76
CA LYS A 11 -10.06 -6.26 4.62
C LYS A 11 -10.72 -6.08 3.25
N PRO A 12 -11.58 -5.05 3.14
CA PRO A 12 -12.28 -4.75 1.89
C PRO A 12 -11.34 -4.20 0.82
N TYR A 13 -10.32 -3.48 1.24
CA TYR A 13 -9.35 -2.90 0.32
C TYR A 13 -7.93 -3.07 0.84
N GLU A 14 -7.07 -3.66 0.01
CA GLU A 14 -5.68 -3.88 0.38
C GLU A 14 -4.76 -3.73 -0.82
N CYS A 15 -3.87 -2.73 -0.76
CA CYS A 15 -2.94 -2.48 -1.85
C CYS A 15 -2.18 -3.74 -2.23
N ILE A 16 -1.92 -3.91 -3.52
CA ILE A 16 -1.21 -5.08 -4.02
C ILE A 16 0.24 -4.74 -4.35
N GLU A 17 0.47 -3.48 -4.70
CA GLU A 17 1.82 -3.02 -5.05
C GLU A 17 2.81 -3.34 -3.92
N CYS A 18 2.36 -3.18 -2.69
CA CYS A 18 3.20 -3.45 -1.53
C CYS A 18 2.50 -4.40 -0.56
N GLY A 19 1.20 -4.21 -0.40
CA GLY A 19 0.43 -5.06 0.51
C GLY A 19 -0.31 -4.25 1.56
N LYS A 20 -0.39 -2.95 1.35
CA LYS A 20 -1.08 -2.06 2.29
C LYS A 20 -2.49 -2.57 2.58
N ALA A 21 -3.03 -2.16 3.73
CA ALA A 21 -4.37 -2.58 4.12
C ALA A 21 -5.22 -1.37 4.50
N PHE A 22 -6.51 -1.44 4.18
CA PHE A 22 -7.44 -0.35 4.48
C PHE A 22 -8.84 -0.90 4.78
N ILE A 23 -9.74 0.00 5.15
CA ILE A 23 -11.11 -0.39 5.46
C ILE A 23 -12.10 0.23 4.49
N GLN A 24 -11.71 1.36 3.88
CA GLN A 24 -12.55 2.04 2.91
C GLN A 24 -11.89 2.10 1.54
N ASN A 25 -12.63 2.60 0.56
CA ASN A 25 -12.11 2.70 -0.81
C ASN A 25 -11.20 3.92 -0.95
N THR A 26 -11.70 5.08 -0.57
CA THR A 26 -10.94 6.32 -0.65
C THR A 26 -9.62 6.21 0.11
N SER A 27 -9.59 5.33 1.11
CA SER A 27 -8.41 5.13 1.91
C SER A 27 -7.33 4.37 1.13
N LEU A 28 -7.77 3.57 0.17
CA LEU A 28 -6.86 2.80 -0.66
C LEU A 28 -6.28 3.64 -1.77
N ILE A 29 -7.15 4.29 -2.55
CA ILE A 29 -6.72 5.14 -3.65
C ILE A 29 -5.68 6.15 -3.18
N ARG A 30 -5.88 6.68 -1.98
CA ARG A 30 -4.96 7.66 -1.42
C ARG A 30 -3.51 7.16 -1.49
N HIS A 31 -3.24 6.06 -0.78
CA HIS A 31 -1.91 5.48 -0.75
C HIS A 31 -1.40 5.25 -2.17
N TRP A 32 -2.29 4.87 -3.06
CA TRP A 32 -1.92 4.61 -4.45
C TRP A 32 -1.34 5.86 -5.10
N ARG A 33 -1.87 7.03 -4.70
CA ARG A 33 -1.40 8.29 -5.25
C ARG A 33 -0.80 9.17 -4.15
N TYR A 34 -0.11 8.53 -3.21
CA TYR A 34 0.50 9.25 -2.10
C TYR A 34 1.98 8.90 -1.98
N TYR A 35 2.26 7.60 -1.81
CA TYR A 35 3.64 7.13 -1.69
C TYR A 35 4.10 6.44 -2.97
N HIS A 36 3.13 5.92 -3.73
CA HIS A 36 3.45 5.24 -4.98
C HIS A 36 3.58 6.24 -6.12
N THR A 37 2.50 6.94 -6.44
CA THR A 37 2.51 7.92 -7.52
C THR A 37 2.24 9.31 -6.98
N GLY A 38 2.07 10.27 -7.89
CA GLY A 38 1.80 11.65 -7.49
C GLY A 38 3.00 12.55 -7.71
N GLU A 39 2.96 13.33 -8.79
CA GLU A 39 4.05 14.24 -9.11
C GLU A 39 5.38 13.51 -9.16
N LYS A 40 5.35 12.28 -9.67
CA LYS A 40 6.55 11.46 -9.78
C LYS A 40 6.89 11.20 -11.25
N PRO A 41 8.16 10.84 -11.50
CA PRO A 41 8.64 10.55 -12.85
C PRO A 41 8.06 9.26 -13.42
N SER A 42 8.16 9.10 -14.74
CA SER A 42 7.64 7.91 -15.41
C SER A 42 8.34 7.68 -16.74
N GLY A 43 8.85 6.47 -16.93
CA GLY A 43 9.53 6.15 -18.17
C GLY A 43 10.15 4.77 -18.15
N PRO A 44 9.30 3.73 -18.16
CA PRO A 44 9.73 2.33 -18.14
C PRO A 44 10.40 1.92 -19.44
N SER A 45 11.04 0.75 -19.43
CA SER A 45 11.72 0.24 -20.62
C SER A 45 10.90 -0.88 -21.27
N SER A 46 11.05 -1.02 -22.58
CA SER A 46 10.33 -2.05 -23.33
C SER A 46 10.84 -2.13 -24.76
N GLY A 47 10.64 -3.30 -25.39
CA GLY A 47 11.08 -3.48 -26.75
C GLY A 47 9.93 -3.57 -27.73
ZN ZN B . 1.12 0.12 -1.95
N GLY A 1 16.15 -11.89 12.01
CA GLY A 1 15.77 -11.40 13.32
C GLY A 1 14.58 -12.16 13.90
N SER A 2 13.38 -11.71 13.57
CA SER A 2 12.16 -12.35 14.06
C SER A 2 10.97 -12.01 13.17
N SER A 3 10.06 -12.98 13.01
CA SER A 3 8.88 -12.78 12.19
C SER A 3 7.86 -13.88 12.43
N GLY A 4 6.64 -13.48 12.79
CA GLY A 4 5.59 -14.45 13.06
C GLY A 4 4.33 -13.82 13.61
N SER A 5 3.22 -13.97 12.89
CA SER A 5 1.96 -13.40 13.32
C SER A 5 1.03 -14.48 13.86
N SER A 6 0.34 -14.17 14.96
CA SER A 6 -0.58 -15.11 15.58
C SER A 6 -2.00 -14.91 15.05
N GLY A 7 -2.15 -14.94 13.73
CA GLY A 7 -3.45 -14.76 13.12
C GLY A 7 -3.39 -13.96 11.83
N THR A 8 -4.30 -14.26 10.92
CA THR A 8 -4.35 -13.57 9.63
C THR A 8 -5.79 -13.42 9.14
N GLY A 9 -6.25 -12.18 9.03
CA GLY A 9 -7.60 -11.92 8.57
C GLY A 9 -7.63 -11.33 7.18
N LYS A 10 -8.74 -10.67 6.85
CA LYS A 10 -8.89 -10.06 5.53
C LYS A 10 -9.36 -8.61 5.67
N LYS A 11 -9.58 -7.96 4.53
CA LYS A 11 -10.04 -6.57 4.51
C LYS A 11 -10.74 -6.26 3.21
N PRO A 12 -11.54 -5.17 3.21
CA PRO A 12 -12.30 -4.73 2.04
C PRO A 12 -11.38 -4.17 0.95
N TYR A 13 -10.29 -3.54 1.36
CA TYR A 13 -9.35 -2.95 0.42
C TYR A 13 -7.91 -3.10 0.93
N GLU A 14 -7.04 -3.61 0.08
CA GLU A 14 -5.63 -3.80 0.44
C GLU A 14 -4.73 -3.66 -0.78
N CYS A 15 -3.85 -2.66 -0.75
CA CYS A 15 -2.94 -2.42 -1.85
C CYS A 15 -2.17 -3.69 -2.21
N ILE A 16 -1.93 -3.89 -3.50
CA ILE A 16 -1.21 -5.06 -3.97
C ILE A 16 0.23 -4.71 -4.35
N GLU A 17 0.44 -3.46 -4.73
CA GLU A 17 1.77 -3.00 -5.11
C GLU A 17 2.78 -3.29 -4.01
N CYS A 18 2.36 -3.09 -2.77
CA CYS A 18 3.23 -3.31 -1.62
C CYS A 18 2.56 -4.25 -0.61
N GLY A 19 1.25 -4.09 -0.44
CA GLY A 19 0.51 -4.91 0.50
C GLY A 19 -0.21 -4.10 1.54
N LYS A 20 -0.32 -2.80 1.32
CA LYS A 20 -1.00 -1.91 2.25
C LYS A 20 -2.40 -2.42 2.58
N ALA A 21 -2.92 -2.00 3.72
CA ALA A 21 -4.26 -2.41 4.14
C ALA A 21 -5.13 -1.22 4.50
N PHE A 22 -6.41 -1.29 4.17
CA PHE A 22 -7.34 -0.21 4.45
C PHE A 22 -8.73 -0.75 4.77
N ILE A 23 -9.60 0.13 5.24
CA ILE A 23 -10.96 -0.27 5.59
C ILE A 23 -11.97 0.35 4.63
N GLN A 24 -11.60 1.46 4.01
CA GLN A 24 -12.47 2.14 3.07
C GLN A 24 -11.89 2.10 1.65
N ASN A 25 -12.65 2.60 0.69
CA ASN A 25 -12.22 2.62 -0.70
C ASN A 25 -11.38 3.86 -0.99
N THR A 26 -11.77 4.99 -0.40
CA THR A 26 -11.05 6.24 -0.59
C THR A 26 -9.68 6.20 0.08
N SER A 27 -9.55 5.35 1.10
CA SER A 27 -8.29 5.22 1.82
C SER A 27 -7.26 4.45 0.99
N LEU A 28 -7.75 3.59 0.11
CA LEU A 28 -6.89 2.80 -0.75
C LEU A 28 -6.33 3.63 -1.89
N ILE A 29 -7.23 4.24 -2.67
CA ILE A 29 -6.82 5.07 -3.79
C ILE A 29 -5.79 6.11 -3.36
N ARG A 30 -5.98 6.66 -2.18
CA ARG A 30 -5.06 7.66 -1.65
C ARG A 30 -3.61 7.18 -1.72
N HIS A 31 -3.31 6.12 -0.98
CA HIS A 31 -1.97 5.55 -0.96
C HIS A 31 -1.47 5.30 -2.38
N TRP A 32 -2.38 4.88 -3.26
CA TRP A 32 -2.02 4.60 -4.64
C TRP A 32 -1.47 5.85 -5.33
N ARG A 33 -2.00 7.00 -4.96
CA ARG A 33 -1.56 8.26 -5.54
C ARG A 33 -0.96 9.17 -4.48
N TYR A 34 -0.27 8.56 -3.51
CA TYR A 34 0.35 9.32 -2.42
C TYR A 34 1.83 8.97 -2.30
N TYR A 35 2.11 7.69 -2.07
CA TYR A 35 3.49 7.23 -1.92
C TYR A 35 3.96 6.53 -3.20
N HIS A 36 3.00 5.99 -3.96
CA HIS A 36 3.33 5.29 -5.20
C HIS A 36 3.45 6.28 -6.36
N THR A 37 2.33 6.87 -6.75
CA THR A 37 2.33 7.83 -7.86
C THR A 37 2.07 9.24 -7.34
N GLY A 38 2.62 9.56 -6.17
CA GLY A 38 2.45 10.88 -5.60
C GLY A 38 3.76 11.55 -5.27
N GLU A 39 4.83 11.09 -5.91
CA GLU A 39 6.16 11.65 -5.67
C GLU A 39 7.12 11.27 -6.78
N LYS A 40 7.80 12.26 -7.35
CA LYS A 40 8.75 12.03 -8.42
C LYS A 40 9.76 10.96 -8.03
N PRO A 41 10.42 10.37 -9.04
CA PRO A 41 11.43 9.33 -8.82
C PRO A 41 12.70 9.89 -8.18
N SER A 42 13.04 9.35 -7.00
CA SER A 42 14.23 9.79 -6.28
C SER A 42 15.31 8.73 -6.32
N GLY A 43 16.56 9.15 -6.15
CA GLY A 43 17.67 8.21 -6.16
C GLY A 43 17.51 7.09 -5.16
N PRO A 44 17.69 7.42 -3.87
CA PRO A 44 17.57 6.45 -2.77
C PRO A 44 16.13 6.00 -2.56
N SER A 45 15.92 4.69 -2.51
CA SER A 45 14.59 4.13 -2.32
C SER A 45 14.66 2.63 -2.05
N SER A 46 13.54 2.05 -1.63
CA SER A 46 13.47 0.63 -1.34
C SER A 46 13.28 -0.18 -2.62
N GLY A 47 12.23 0.15 -3.37
CA GLY A 47 11.96 -0.55 -4.61
C GLY A 47 10.47 -0.60 -4.92
ZN ZN B . 1.09 0.19 -2.07
N GLY A 1 12.55 -17.53 -4.96
CA GLY A 1 12.30 -18.33 -3.79
C GLY A 1 10.84 -18.33 -3.38
N SER A 2 10.59 -18.54 -2.08
CA SER A 2 9.23 -18.56 -1.56
C SER A 2 9.24 -18.61 -0.03
N SER A 3 8.49 -17.70 0.58
CA SER A 3 8.41 -17.64 2.05
C SER A 3 7.03 -18.06 2.53
N GLY A 4 6.89 -18.24 3.84
CA GLY A 4 5.62 -18.64 4.41
C GLY A 4 4.95 -17.52 5.18
N SER A 5 4.99 -16.32 4.61
CA SER A 5 4.39 -15.15 5.25
C SER A 5 2.87 -15.20 5.14
N SER A 6 2.20 -15.25 6.28
CA SER A 6 0.74 -15.30 6.31
C SER A 6 0.18 -14.40 7.41
N GLY A 7 -1.04 -13.92 7.21
CA GLY A 7 -1.66 -13.06 8.21
C GLY A 7 -3.09 -13.47 8.52
N THR A 8 -3.49 -13.27 9.78
CA THR A 8 -4.83 -13.64 10.21
C THR A 8 -5.80 -12.48 10.00
N GLY A 9 -6.87 -12.75 9.24
CA GLY A 9 -7.86 -11.72 8.98
C GLY A 9 -7.76 -11.16 7.58
N LYS A 10 -8.78 -10.41 7.16
CA LYS A 10 -8.81 -9.82 5.83
C LYS A 10 -9.43 -8.43 5.86
N LYS A 11 -9.41 -7.76 4.73
CA LYS A 11 -9.97 -6.41 4.62
C LYS A 11 -10.64 -6.20 3.27
N PRO A 12 -11.52 -5.20 3.19
CA PRO A 12 -12.24 -4.87 1.96
C PRO A 12 -11.32 -4.27 0.89
N TYR A 13 -10.31 -3.52 1.34
CA TYR A 13 -9.37 -2.90 0.42
C TYR A 13 -7.94 -3.05 0.94
N GLU A 14 -7.06 -3.56 0.08
CA GLU A 14 -5.66 -3.75 0.44
C GLU A 14 -4.75 -3.61 -0.78
N CYS A 15 -3.85 -2.64 -0.74
CA CYS A 15 -2.93 -2.40 -1.84
C CYS A 15 -2.20 -3.69 -2.22
N ILE A 16 -1.97 -3.87 -3.51
CA ILE A 16 -1.28 -5.05 -4.01
C ILE A 16 0.17 -4.74 -4.38
N GLU A 17 0.42 -3.49 -4.74
CA GLU A 17 1.77 -3.06 -5.10
C GLU A 17 2.76 -3.34 -3.98
N CYS A 18 2.27 -3.26 -2.75
CA CYS A 18 3.12 -3.50 -1.58
C CYS A 18 2.43 -4.44 -0.60
N GLY A 19 1.12 -4.25 -0.42
CA GLY A 19 0.37 -5.08 0.49
C GLY A 19 -0.35 -4.28 1.55
N LYS A 20 -0.43 -2.96 1.34
CA LYS A 20 -1.10 -2.08 2.29
C LYS A 20 -2.51 -2.59 2.61
N ALA A 21 -3.04 -2.19 3.76
CA ALA A 21 -4.37 -2.60 4.18
C ALA A 21 -5.22 -1.39 4.57
N PHE A 22 -6.51 -1.45 4.25
CA PHE A 22 -7.42 -0.36 4.56
C PHE A 22 -8.81 -0.89 4.89
N ILE A 23 -9.74 0.02 5.15
CA ILE A 23 -11.11 -0.36 5.47
C ILE A 23 -12.10 0.21 4.46
N GLN A 24 -11.78 1.38 3.94
CA GLN A 24 -12.63 2.05 2.97
C GLN A 24 -11.97 2.08 1.60
N ASN A 25 -12.71 2.55 0.59
CA ASN A 25 -12.20 2.64 -0.76
C ASN A 25 -11.26 3.84 -0.91
N THR A 26 -11.76 5.01 -0.57
CA THR A 26 -10.97 6.24 -0.67
C THR A 26 -9.65 6.11 0.09
N SER A 27 -9.66 5.30 1.14
CA SER A 27 -8.46 5.09 1.94
C SER A 27 -7.40 4.34 1.15
N LEU A 28 -7.84 3.50 0.22
CA LEU A 28 -6.93 2.72 -0.61
C LEU A 28 -6.36 3.57 -1.74
N ILE A 29 -7.25 4.19 -2.51
CA ILE A 29 -6.84 5.04 -3.62
C ILE A 29 -5.80 6.07 -3.18
N ARG A 30 -5.99 6.60 -1.97
CA ARG A 30 -5.07 7.59 -1.43
C ARG A 30 -3.63 7.11 -1.51
N HIS A 31 -3.34 6.01 -0.79
CA HIS A 31 -2.00 5.44 -0.78
C HIS A 31 -1.49 5.22 -2.21
N TRP A 32 -2.41 4.92 -3.12
CA TRP A 32 -2.06 4.69 -4.51
C TRP A 32 -1.52 5.95 -5.16
N ARG A 33 -2.09 7.10 -4.79
CA ARG A 33 -1.67 8.38 -5.34
C ARG A 33 -1.06 9.26 -4.25
N TYR A 34 -0.34 8.64 -3.32
CA TYR A 34 0.29 9.36 -2.23
C TYR A 34 1.79 9.10 -2.18
N TYR A 35 2.15 7.83 -1.97
CA TYR A 35 3.55 7.45 -1.90
C TYR A 35 4.00 6.81 -3.21
N HIS A 36 3.18 5.91 -3.74
CA HIS A 36 3.49 5.23 -4.99
C HIS A 36 3.70 6.24 -6.12
N THR A 37 2.64 6.96 -6.47
CA THR A 37 2.71 7.95 -7.53
C THR A 37 2.61 9.37 -6.97
N GLY A 38 3.03 10.34 -7.77
CA GLY A 38 2.98 11.72 -7.33
C GLY A 38 4.29 12.45 -7.55
N GLU A 39 5.05 12.64 -6.47
CA GLU A 39 6.34 13.32 -6.55
C GLU A 39 7.47 12.41 -6.07
N LYS A 40 8.62 12.51 -6.73
CA LYS A 40 9.77 11.70 -6.37
C LYS A 40 9.41 10.23 -6.30
N PRO A 41 9.10 9.64 -7.47
CA PRO A 41 8.72 8.23 -7.57
C PRO A 41 9.90 7.30 -7.31
N SER A 42 9.99 6.80 -6.08
CA SER A 42 11.07 5.90 -5.70
C SER A 42 10.54 4.51 -5.39
N GLY A 43 11.43 3.53 -5.32
CA GLY A 43 11.03 2.17 -5.03
C GLY A 43 12.15 1.17 -5.30
N PRO A 44 13.15 1.15 -4.41
CA PRO A 44 14.30 0.24 -4.53
C PRO A 44 13.91 -1.20 -4.27
N SER A 45 12.78 -1.40 -3.59
CA SER A 45 12.31 -2.75 -3.27
C SER A 45 11.60 -3.37 -4.47
N SER A 46 11.22 -4.64 -4.33
CA SER A 46 10.53 -5.36 -5.41
C SER A 46 9.28 -6.05 -4.88
N GLY A 47 8.12 -5.45 -5.17
CA GLY A 47 6.86 -6.02 -4.72
C GLY A 47 6.05 -6.61 -5.86
ZN ZN B . 1.18 0.21 -2.07
N GLY A 1 22.14 -10.85 10.02
CA GLY A 1 21.09 -9.86 10.10
C GLY A 1 19.87 -10.24 9.28
N SER A 2 18.71 -10.21 9.91
CA SER A 2 17.46 -10.56 9.23
C SER A 2 16.35 -9.58 9.60
N SER A 3 15.30 -9.55 8.78
CA SER A 3 14.17 -8.66 9.02
C SER A 3 12.86 -9.44 9.04
N GLY A 4 12.04 -9.19 10.06
CA GLY A 4 10.77 -9.88 10.17
C GLY A 4 9.64 -9.12 9.48
N SER A 5 8.56 -9.83 9.18
CA SER A 5 7.42 -9.23 8.51
C SER A 5 6.19 -10.14 8.59
N SER A 6 5.05 -9.55 8.97
CA SER A 6 3.82 -10.32 9.10
C SER A 6 2.61 -9.42 8.86
N GLY A 7 1.45 -10.05 8.64
CA GLY A 7 0.24 -9.29 8.40
C GLY A 7 -0.80 -10.08 7.61
N THR A 8 -1.75 -10.69 8.33
CA THR A 8 -2.79 -11.48 7.70
C THR A 8 -4.18 -11.01 8.13
N GLY A 9 -5.00 -10.64 7.15
CA GLY A 9 -6.34 -10.18 7.45
C GLY A 9 -7.17 -9.97 6.19
N LYS A 10 -8.44 -10.36 6.27
CA LYS A 10 -9.35 -10.22 5.14
C LYS A 10 -10.04 -8.86 5.15
N LYS A 11 -9.42 -7.88 4.52
CA LYS A 11 -9.98 -6.53 4.45
C LYS A 11 -10.64 -6.27 3.10
N PRO A 12 -11.52 -5.26 3.06
CA PRO A 12 -12.23 -4.89 1.83
C PRO A 12 -11.31 -4.26 0.79
N TYR A 13 -10.30 -3.54 1.27
CA TYR A 13 -9.34 -2.88 0.38
C TYR A 13 -7.92 -3.03 0.90
N GLU A 14 -7.03 -3.50 0.04
CA GLU A 14 -5.63 -3.68 0.42
C GLU A 14 -4.71 -3.53 -0.79
N CYS A 15 -3.83 -2.54 -0.73
CA CYS A 15 -2.90 -2.29 -1.82
C CYS A 15 -2.14 -3.56 -2.20
N ILE A 16 -1.93 -3.75 -3.50
CA ILE A 16 -1.24 -4.92 -4.00
C ILE A 16 0.22 -4.58 -4.36
N GLU A 17 0.44 -3.32 -4.71
CA GLU A 17 1.78 -2.87 -5.09
C GLU A 17 2.78 -3.14 -3.96
N CYS A 18 2.29 -3.12 -2.73
CA CYS A 18 3.13 -3.35 -1.57
C CYS A 18 2.46 -4.32 -0.59
N GLY A 19 1.15 -4.15 -0.41
CA GLY A 19 0.41 -5.01 0.49
C GLY A 19 -0.32 -4.23 1.57
N LYS A 20 -0.44 -2.93 1.37
CA LYS A 20 -1.12 -2.06 2.33
C LYS A 20 -2.52 -2.58 2.63
N ALA A 21 -3.05 -2.22 3.79
CA ALA A 21 -4.39 -2.64 4.19
C ALA A 21 -5.24 -1.44 4.59
N PHE A 22 -6.53 -1.51 4.26
CA PHE A 22 -7.46 -0.43 4.60
C PHE A 22 -8.85 -0.99 4.91
N ILE A 23 -9.78 -0.09 5.21
CA ILE A 23 -11.14 -0.48 5.54
C ILE A 23 -12.14 0.09 4.54
N GLN A 24 -11.81 1.26 4.00
CA GLN A 24 -12.68 1.92 3.03
C GLN A 24 -12.01 1.98 1.66
N ASN A 25 -12.76 2.45 0.66
CA ASN A 25 -12.24 2.56 -0.70
C ASN A 25 -11.32 3.77 -0.84
N THR A 26 -11.86 4.94 -0.49
CA THR A 26 -11.09 6.18 -0.58
C THR A 26 -9.76 6.06 0.17
N SER A 27 -9.75 5.24 1.21
CA SER A 27 -8.55 5.03 2.00
C SER A 27 -7.47 4.31 1.20
N LEU A 28 -7.91 3.44 0.29
CA LEU A 28 -6.99 2.67 -0.55
C LEU A 28 -6.43 3.55 -1.66
N ILE A 29 -7.32 4.18 -2.42
CA ILE A 29 -6.91 5.04 -3.52
C ILE A 29 -5.90 6.09 -3.05
N ARG A 30 -6.10 6.59 -1.83
CA ARG A 30 -5.21 7.59 -1.26
C ARG A 30 -3.75 7.14 -1.35
N HIS A 31 -3.43 6.05 -0.65
CA HIS A 31 -2.08 5.53 -0.64
C HIS A 31 -1.57 5.31 -2.07
N TRP A 32 -2.49 5.02 -2.98
CA TRP A 32 -2.13 4.79 -4.38
C TRP A 32 -1.65 6.08 -5.03
N ARG A 33 -2.27 7.20 -4.65
CA ARG A 33 -1.89 8.50 -5.20
C ARG A 33 -1.33 9.41 -4.11
N TYR A 34 -0.55 8.83 -3.21
CA TYR A 34 0.05 9.59 -2.11
C TYR A 34 1.56 9.39 -2.08
N TYR A 35 1.99 8.13 -2.08
CA TYR A 35 3.41 7.81 -2.04
C TYR A 35 3.83 7.11 -3.33
N HIS A 36 3.06 6.13 -3.75
CA HIS A 36 3.36 5.38 -4.97
C HIS A 36 3.58 6.33 -6.15
N THR A 37 2.50 6.90 -6.66
CA THR A 37 2.58 7.83 -7.78
C THR A 37 3.44 9.04 -7.43
N GLY A 38 3.62 9.93 -8.41
CA GLY A 38 4.42 11.11 -8.19
C GLY A 38 5.80 10.79 -7.66
N GLU A 39 6.35 11.70 -6.86
CA GLU A 39 7.69 11.51 -6.29
C GLU A 39 7.66 10.42 -5.21
N LYS A 40 8.69 9.58 -5.20
CA LYS A 40 8.79 8.51 -4.22
C LYS A 40 9.05 9.06 -2.83
N PRO A 41 8.76 8.24 -1.80
CA PRO A 41 8.96 8.64 -0.40
C PRO A 41 10.44 8.75 -0.03
N SER A 42 11.29 8.10 -0.82
CA SER A 42 12.73 8.13 -0.57
C SER A 42 13.49 7.55 -1.76
N GLY A 43 14.82 7.57 -1.67
CA GLY A 43 15.64 7.05 -2.74
C GLY A 43 15.60 5.54 -2.84
N PRO A 44 16.46 4.97 -3.69
CA PRO A 44 16.53 3.52 -3.89
C PRO A 44 17.12 2.80 -2.68
N SER A 45 16.25 2.40 -1.75
CA SER A 45 16.68 1.70 -0.54
C SER A 45 16.34 0.22 -0.63
N SER A 46 17.30 -0.62 -0.26
CA SER A 46 17.12 -2.06 -0.29
C SER A 46 15.97 -2.49 0.62
N GLY A 47 15.74 -1.71 1.67
CA GLY A 47 14.66 -2.01 2.60
C GLY A 47 13.46 -1.10 2.42
ZN ZN B . 1.14 0.36 -1.98
N GLY A 1 9.40 -24.99 -5.22
CA GLY A 1 8.90 -25.29 -3.89
C GLY A 1 7.40 -25.09 -3.78
N SER A 2 6.87 -24.22 -4.63
CA SER A 2 5.44 -23.93 -4.62
C SER A 2 4.96 -23.56 -3.21
N SER A 3 5.84 -22.89 -2.46
CA SER A 3 5.52 -22.49 -1.10
C SER A 3 5.64 -20.98 -0.94
N GLY A 4 5.12 -20.46 0.17
CA GLY A 4 5.17 -19.04 0.43
C GLY A 4 4.52 -18.22 -0.68
N SER A 5 3.20 -18.17 -0.68
CA SER A 5 2.46 -17.42 -1.69
C SER A 5 1.24 -16.73 -1.08
N SER A 6 0.94 -15.53 -1.57
CA SER A 6 -0.19 -14.76 -1.07
C SER A 6 -1.00 -14.18 -2.23
N GLY A 7 -2.20 -13.69 -1.92
CA GLY A 7 -3.05 -13.11 -2.93
C GLY A 7 -4.04 -12.10 -2.37
N THR A 8 -5.08 -12.61 -1.72
CA THR A 8 -6.10 -11.75 -1.13
C THR A 8 -6.10 -11.86 0.39
N GLY A 9 -6.33 -10.74 1.06
CA GLY A 9 -6.35 -10.74 2.51
C GLY A 9 -7.75 -10.93 3.08
N LYS A 10 -8.13 -10.07 4.01
CA LYS A 10 -9.45 -10.14 4.63
C LYS A 10 -10.18 -8.82 4.50
N LYS A 11 -9.44 -7.72 4.63
CA LYS A 11 -10.02 -6.38 4.52
C LYS A 11 -10.66 -6.17 3.15
N PRO A 12 -11.56 -5.18 3.06
CA PRO A 12 -12.25 -4.85 1.81
C PRO A 12 -11.31 -4.23 0.77
N TYR A 13 -10.32 -3.49 1.25
CA TYR A 13 -9.36 -2.84 0.36
C TYR A 13 -7.94 -3.01 0.88
N GLU A 14 -7.06 -3.51 0.03
CA GLU A 14 -5.67 -3.71 0.41
C GLU A 14 -4.75 -3.57 -0.80
N CYS A 15 -3.83 -2.61 -0.74
CA CYS A 15 -2.89 -2.37 -1.82
C CYS A 15 -2.17 -3.66 -2.22
N ILE A 16 -1.94 -3.83 -3.51
CA ILE A 16 -1.26 -5.01 -4.01
C ILE A 16 0.19 -4.71 -4.36
N GLU A 17 0.47 -3.46 -4.71
CA GLU A 17 1.82 -3.03 -5.06
C GLU A 17 2.80 -3.33 -3.92
N CYS A 18 2.28 -3.34 -2.70
CA CYS A 18 3.10 -3.60 -1.52
C CYS A 18 2.39 -4.54 -0.56
N GLY A 19 1.09 -4.33 -0.39
CA GLY A 19 0.32 -5.16 0.51
C GLY A 19 -0.41 -4.36 1.58
N LYS A 20 -0.46 -3.05 1.38
CA LYS A 20 -1.13 -2.16 2.34
C LYS A 20 -2.55 -2.64 2.63
N ALA A 21 -3.07 -2.26 3.78
CA ALA A 21 -4.42 -2.65 4.18
C ALA A 21 -5.24 -1.44 4.59
N PHE A 22 -6.53 -1.46 4.24
CA PHE A 22 -7.43 -0.36 4.57
C PHE A 22 -8.83 -0.88 4.89
N ILE A 23 -9.76 0.05 5.11
CA ILE A 23 -11.13 -0.31 5.43
C ILE A 23 -12.10 0.24 4.39
N GLN A 24 -11.79 1.43 3.86
CA GLN A 24 -12.63 2.07 2.86
C GLN A 24 -11.93 2.08 1.50
N ASN A 25 -12.60 2.64 0.51
CA ASN A 25 -12.06 2.71 -0.85
C ASN A 25 -11.13 3.91 -0.99
N THR A 26 -11.65 5.10 -0.67
CA THR A 26 -10.87 6.32 -0.77
C THR A 26 -9.54 6.19 -0.04
N SER A 27 -9.53 5.38 1.02
CA SER A 27 -8.33 5.18 1.82
C SER A 27 -7.27 4.43 1.00
N LEU A 28 -7.71 3.46 0.21
CA LEU A 28 -6.80 2.67 -0.62
C LEU A 28 -6.22 3.51 -1.74
N ILE A 29 -7.09 4.27 -2.41
CA ILE A 29 -6.65 5.13 -3.51
C ILE A 29 -5.61 6.15 -3.04
N ARG A 30 -5.80 6.66 -1.84
CA ARG A 30 -4.88 7.64 -1.27
C ARG A 30 -3.44 7.13 -1.35
N HIS A 31 -3.17 6.02 -0.67
CA HIS A 31 -1.84 5.43 -0.65
C HIS A 31 -1.34 5.22 -2.07
N TRP A 32 -2.26 4.97 -3.00
CA TRP A 32 -1.90 4.75 -4.39
C TRP A 32 -1.34 6.01 -5.03
N ARG A 33 -1.90 7.15 -4.63
CA ARG A 33 -1.46 8.45 -5.16
C ARG A 33 -0.83 9.30 -4.07
N TYR A 34 -0.16 8.65 -3.13
CA TYR A 34 0.48 9.34 -2.02
C TYR A 34 1.97 9.05 -1.98
N TYR A 35 2.31 7.78 -1.79
CA TYR A 35 3.71 7.36 -1.74
C TYR A 35 4.15 6.75 -3.06
N HIS A 36 3.31 5.87 -3.60
CA HIS A 36 3.61 5.21 -4.87
C HIS A 36 3.80 6.23 -5.98
N THR A 37 2.70 6.82 -6.44
CA THR A 37 2.75 7.82 -7.51
C THR A 37 2.05 9.10 -7.09
N GLY A 38 2.16 10.13 -7.92
CA GLY A 38 1.54 11.41 -7.62
C GLY A 38 1.86 12.46 -8.64
N GLU A 39 3.08 12.98 -8.61
CA GLU A 39 3.52 14.00 -9.54
C GLU A 39 4.92 13.71 -10.08
N LYS A 40 5.08 13.82 -11.39
CA LYS A 40 6.36 13.57 -12.02
C LYS A 40 6.92 12.20 -11.61
N PRO A 41 6.25 11.12 -12.05
CA PRO A 41 6.66 9.75 -11.72
C PRO A 41 7.95 9.36 -12.43
N SER A 42 8.18 9.94 -13.60
CA SER A 42 9.39 9.64 -14.38
C SER A 42 10.64 9.98 -13.57
N GLY A 43 11.78 9.52 -14.07
CA GLY A 43 13.04 9.79 -13.39
C GLY A 43 14.22 9.82 -14.35
N PRO A 44 15.41 10.13 -13.81
CA PRO A 44 16.64 10.20 -14.61
C PRO A 44 17.10 8.82 -15.09
N SER A 45 16.75 7.79 -14.34
CA SER A 45 17.13 6.43 -14.69
C SER A 45 16.12 5.81 -15.65
N SER A 46 16.52 4.73 -16.30
CA SER A 46 15.65 4.04 -17.25
C SER A 46 15.66 2.54 -17.01
N GLY A 47 15.78 2.15 -15.74
CA GLY A 47 15.79 0.74 -15.39
C GLY A 47 16.42 0.49 -14.04
ZN ZN B . 1.25 0.19 -1.99
N GLY A 1 10.11 1.53 14.48
CA GLY A 1 10.47 2.44 13.40
C GLY A 1 9.39 2.55 12.35
N SER A 2 8.70 1.43 12.09
CA SER A 2 7.63 1.40 11.10
C SER A 2 6.30 1.04 11.74
N SER A 3 5.21 1.40 11.07
CA SER A 3 3.87 1.11 11.57
C SER A 3 3.10 0.20 10.61
N GLY A 4 2.22 -0.63 11.15
CA GLY A 4 1.43 -1.52 10.32
C GLY A 4 1.30 -2.91 10.94
N SER A 5 0.06 -3.33 11.15
CA SER A 5 -0.21 -4.64 11.73
C SER A 5 -1.16 -5.45 10.85
N SER A 6 -0.59 -6.15 9.88
CA SER A 6 -1.37 -6.97 8.96
C SER A 6 -1.10 -8.45 9.19
N GLY A 7 -2.07 -9.28 8.81
CA GLY A 7 -1.92 -10.72 8.99
C GLY A 7 -3.24 -11.42 9.25
N THR A 8 -3.48 -11.78 10.50
CA THR A 8 -4.71 -12.46 10.88
C THR A 8 -5.93 -11.69 10.40
N GLY A 9 -6.77 -12.36 9.60
CA GLY A 9 -7.97 -11.72 9.08
C GLY A 9 -7.75 -11.10 7.73
N LYS A 10 -8.80 -10.48 7.18
CA LYS A 10 -8.71 -9.84 5.88
C LYS A 10 -9.36 -8.46 5.90
N LYS A 11 -9.26 -7.75 4.79
CA LYS A 11 -9.84 -6.41 4.69
C LYS A 11 -10.52 -6.22 3.34
N PRO A 12 -11.42 -5.23 3.27
CA PRO A 12 -12.16 -4.92 2.04
C PRO A 12 -11.27 -4.32 0.95
N TYR A 13 -10.26 -3.56 1.38
CA TYR A 13 -9.33 -2.93 0.44
C TYR A 13 -7.90 -3.05 0.94
N GLU A 14 -7.03 -3.60 0.10
CA GLU A 14 -5.63 -3.77 0.46
C GLU A 14 -4.74 -3.64 -0.78
N CYS A 15 -3.84 -2.66 -0.75
CA CYS A 15 -2.92 -2.43 -1.86
C CYS A 15 -2.20 -3.71 -2.25
N ILE A 16 -1.93 -3.88 -3.54
CA ILE A 16 -1.24 -5.06 -4.04
C ILE A 16 0.21 -4.74 -4.39
N GLU A 17 0.46 -3.48 -4.75
CA GLU A 17 1.80 -3.04 -5.12
C GLU A 17 2.79 -3.33 -4.00
N CYS A 18 2.32 -3.23 -2.76
CA CYS A 18 3.17 -3.48 -1.60
C CYS A 18 2.47 -4.40 -0.61
N GLY A 19 1.16 -4.20 -0.43
CA GLY A 19 0.41 -5.03 0.48
C GLY A 19 -0.32 -4.22 1.54
N LYS A 20 -0.40 -2.91 1.31
CA LYS A 20 -1.07 -2.02 2.26
C LYS A 20 -2.47 -2.53 2.58
N ALA A 21 -2.99 -2.12 3.74
CA ALA A 21 -4.32 -2.53 4.17
C ALA A 21 -5.18 -1.33 4.54
N PHE A 22 -6.47 -1.42 4.25
CA PHE A 22 -7.40 -0.33 4.55
C PHE A 22 -8.78 -0.87 4.89
N ILE A 23 -9.72 0.03 5.14
CA ILE A 23 -11.08 -0.36 5.49
C ILE A 23 -12.07 0.19 4.47
N GLN A 24 -11.77 1.35 3.90
CA GLN A 24 -12.64 1.97 2.92
C GLN A 24 -11.99 1.97 1.54
N ASN A 25 -12.68 2.57 0.57
CA ASN A 25 -12.16 2.64 -0.79
C ASN A 25 -11.28 3.87 -0.98
N THR A 26 -11.82 5.03 -0.63
CA THR A 26 -11.09 6.29 -0.76
C THR A 26 -9.78 6.24 0.01
N SER A 27 -9.72 5.40 1.04
CA SER A 27 -8.53 5.26 1.86
C SER A 27 -7.44 4.51 1.11
N LEU A 28 -7.86 3.64 0.19
CA LEU A 28 -6.92 2.85 -0.61
C LEU A 28 -6.34 3.69 -1.74
N ILE A 29 -7.22 4.31 -2.52
CA ILE A 29 -6.80 5.14 -3.64
C ILE A 29 -5.75 6.16 -3.21
N ARG A 30 -5.94 6.71 -2.01
CA ARG A 30 -5.01 7.70 -1.48
C ARG A 30 -3.57 7.21 -1.55
N HIS A 31 -3.31 6.09 -0.86
CA HIS A 31 -1.97 5.51 -0.84
C HIS A 31 -1.48 5.25 -2.26
N TRP A 32 -2.40 5.04 -3.18
CA TRP A 32 -2.07 4.77 -4.56
C TRP A 32 -1.58 6.04 -5.26
N ARG A 33 -2.10 7.18 -4.82
CA ARG A 33 -1.72 8.47 -5.41
C ARG A 33 -1.07 9.37 -4.36
N TYR A 34 -0.38 8.75 -3.40
CA TYR A 34 0.27 9.50 -2.34
C TYR A 34 1.78 9.26 -2.36
N TYR A 35 2.18 7.99 -2.35
CA TYR A 35 3.58 7.62 -2.37
C TYR A 35 3.95 6.93 -3.68
N HIS A 36 3.14 5.94 -4.06
CA HIS A 36 3.38 5.20 -5.29
C HIS A 36 3.51 6.13 -6.48
N THR A 37 2.43 6.84 -6.80
CA THR A 37 2.41 7.78 -7.91
C THR A 37 2.39 9.22 -7.42
N GLY A 38 2.86 9.44 -6.20
CA GLY A 38 2.88 10.78 -5.63
C GLY A 38 4.26 11.38 -5.61
N GLU A 39 4.36 12.63 -5.15
CA GLU A 39 5.65 13.31 -5.08
C GLU A 39 6.53 12.71 -3.99
N LYS A 40 7.84 12.91 -4.13
CA LYS A 40 8.80 12.39 -3.15
C LYS A 40 10.00 13.32 -3.02
N PRO A 41 10.74 13.18 -1.91
CA PRO A 41 11.92 14.00 -1.63
C PRO A 41 13.08 13.66 -2.57
N SER A 42 13.23 12.38 -2.88
CA SER A 42 14.31 11.93 -3.76
C SER A 42 13.97 12.21 -5.22
N GLY A 43 15.00 12.52 -6.00
CA GLY A 43 14.80 12.81 -7.41
C GLY A 43 15.72 12.02 -8.31
N PRO A 44 15.58 12.20 -9.63
CA PRO A 44 16.40 11.50 -10.62
C PRO A 44 17.84 11.97 -10.61
N SER A 45 18.74 11.13 -10.10
CA SER A 45 20.15 11.47 -10.03
C SER A 45 21.00 10.32 -10.58
N SER A 46 22.25 10.63 -10.92
CA SER A 46 23.17 9.64 -11.46
C SER A 46 23.25 8.42 -10.54
N GLY A 47 23.43 8.66 -9.25
CA GLY A 47 23.51 7.59 -8.30
C GLY A 47 22.15 7.04 -7.92
ZN ZN B . 1.16 0.18 -2.05
N GLY A 1 11.32 -25.63 16.46
CA GLY A 1 9.99 -25.06 16.38
C GLY A 1 9.63 -24.62 14.97
N SER A 2 8.56 -25.19 14.42
CA SER A 2 8.12 -24.85 13.07
C SER A 2 7.57 -23.43 13.02
N SER A 3 7.37 -22.93 11.80
CA SER A 3 6.85 -21.58 11.61
C SER A 3 6.51 -21.33 10.15
N GLY A 4 5.83 -20.23 9.89
CA GLY A 4 5.44 -19.90 8.52
C GLY A 4 5.22 -18.41 8.34
N SER A 5 4.74 -18.03 7.15
CA SER A 5 4.49 -16.63 6.84
C SER A 5 3.06 -16.43 6.34
N SER A 6 2.09 -16.86 7.15
CA SER A 6 0.69 -16.72 6.79
C SER A 6 0.03 -15.61 7.58
N GLY A 7 0.20 -14.37 7.10
CA GLY A 7 -0.39 -13.23 7.77
C GLY A 7 -1.89 -13.16 7.60
N THR A 8 -2.62 -13.38 8.69
CA THR A 8 -4.08 -13.35 8.66
C THR A 8 -4.60 -11.91 8.64
N GLY A 9 -5.80 -11.72 8.12
CA GLY A 9 -6.39 -10.40 8.06
C GLY A 9 -7.10 -10.14 6.75
N LYS A 10 -8.42 -10.24 6.76
CA LYS A 10 -9.23 -10.01 5.57
C LYS A 10 -9.85 -8.62 5.59
N LYS A 11 -9.43 -7.78 4.66
CA LYS A 11 -9.95 -6.42 4.56
C LYS A 11 -10.61 -6.18 3.21
N PRO A 12 -11.49 -5.16 3.15
CA PRO A 12 -12.20 -4.81 1.92
C PRO A 12 -11.27 -4.21 0.86
N TYR A 13 -10.26 -3.48 1.32
CA TYR A 13 -9.30 -2.85 0.42
C TYR A 13 -7.88 -3.01 0.94
N GLU A 14 -6.99 -3.48 0.07
CA GLU A 14 -5.59 -3.69 0.44
C GLU A 14 -4.68 -3.55 -0.78
N CYS A 15 -3.79 -2.57 -0.74
CA CYS A 15 -2.86 -2.34 -1.84
C CYS A 15 -2.12 -3.62 -2.22
N ILE A 16 -1.90 -3.81 -3.52
CA ILE A 16 -1.20 -4.99 -4.00
C ILE A 16 0.25 -4.67 -4.37
N GLU A 17 0.49 -3.42 -4.74
CA GLU A 17 1.83 -2.98 -5.12
C GLU A 17 2.82 -3.22 -3.98
N CYS A 18 2.30 -3.27 -2.75
CA CYS A 18 3.14 -3.50 -1.58
C CYS A 18 2.45 -4.43 -0.59
N GLY A 19 1.15 -4.23 -0.41
CA GLY A 19 0.39 -5.07 0.51
C GLY A 19 -0.32 -4.26 1.58
N LYS A 20 -0.41 -2.94 1.36
CA LYS A 20 -1.08 -2.05 2.31
C LYS A 20 -2.48 -2.55 2.63
N ALA A 21 -3.00 -2.14 3.78
CA ALA A 21 -4.34 -2.55 4.20
C ALA A 21 -5.18 -1.33 4.57
N PHE A 22 -6.47 -1.38 4.22
CA PHE A 22 -7.38 -0.29 4.52
C PHE A 22 -8.78 -0.82 4.84
N ILE A 23 -9.70 0.10 5.11
CA ILE A 23 -11.07 -0.28 5.44
C ILE A 23 -12.06 0.28 4.42
N GLN A 24 -11.74 1.47 3.90
CA GLN A 24 -12.61 2.11 2.92
C GLN A 24 -11.94 2.13 1.54
N ASN A 25 -12.66 2.62 0.54
CA ASN A 25 -12.15 2.69 -0.82
C ASN A 25 -11.21 3.88 -0.99
N THR A 26 -11.69 5.05 -0.60
CA THR A 26 -10.90 6.27 -0.71
C THR A 26 -9.56 6.13 0.02
N SER A 27 -9.57 5.38 1.11
CA SER A 27 -8.36 5.16 1.89
C SER A 27 -7.31 4.42 1.08
N LEU A 28 -7.76 3.54 0.19
CA LEU A 28 -6.86 2.77 -0.64
C LEU A 28 -6.30 3.62 -1.77
N ILE A 29 -7.18 4.25 -2.54
CA ILE A 29 -6.77 5.10 -3.64
C ILE A 29 -5.74 6.13 -3.19
N ARG A 30 -5.92 6.64 -1.98
CA ARG A 30 -5.00 7.63 -1.43
C ARG A 30 -3.56 7.15 -1.51
N HIS A 31 -3.26 6.06 -0.81
CA HIS A 31 -1.92 5.50 -0.81
C HIS A 31 -1.41 5.28 -2.24
N TRP A 32 -2.34 4.96 -3.14
CA TRP A 32 -1.99 4.73 -4.53
C TRP A 32 -1.47 6.00 -5.19
N ARG A 33 -2.04 7.14 -4.80
CA ARG A 33 -1.63 8.42 -5.35
C ARG A 33 -1.03 9.31 -4.26
N TYR A 34 -0.31 8.70 -3.33
CA TYR A 34 0.31 9.43 -2.24
C TYR A 34 1.82 9.19 -2.21
N TYR A 35 2.20 7.92 -2.30
CA TYR A 35 3.61 7.54 -2.28
C TYR A 35 4.02 6.87 -3.59
N HIS A 36 3.20 5.93 -4.05
CA HIS A 36 3.48 5.22 -5.29
C HIS A 36 3.60 6.19 -6.46
N THR A 37 2.47 6.74 -6.90
CA THR A 37 2.46 7.68 -8.00
C THR A 37 2.52 9.12 -7.50
N GLY A 38 1.91 9.37 -6.34
CA GLY A 38 1.91 10.71 -5.77
C GLY A 38 3.30 11.29 -5.67
N GLU A 39 4.16 10.65 -4.88
CA GLU A 39 5.52 11.12 -4.70
C GLU A 39 6.43 10.60 -5.80
N LYS A 40 7.61 11.22 -5.95
CA LYS A 40 8.56 10.81 -6.97
C LYS A 40 9.68 9.98 -6.36
N PRO A 41 10.37 9.21 -7.21
CA PRO A 41 11.48 8.35 -6.78
C PRO A 41 12.71 9.16 -6.36
N SER A 42 12.83 9.43 -5.07
CA SER A 42 13.95 10.19 -4.55
C SER A 42 14.61 9.47 -3.38
N GLY A 43 14.53 8.15 -3.39
CA GLY A 43 15.12 7.35 -2.33
C GLY A 43 15.05 5.86 -2.61
N PRO A 44 15.58 5.06 -1.67
CA PRO A 44 15.60 3.60 -1.80
C PRO A 44 14.20 2.99 -1.68
N SER A 45 13.90 2.03 -2.53
CA SER A 45 12.59 1.37 -2.52
C SER A 45 12.75 -0.13 -2.42
N SER A 46 13.65 -0.57 -1.54
CA SER A 46 13.90 -2.00 -1.34
C SER A 46 13.83 -2.36 0.13
N GLY A 47 12.67 -2.17 0.74
CA GLY A 47 12.50 -2.48 2.14
C GLY A 47 11.52 -1.54 2.82
ZN ZN B . 1.24 0.28 -2.11
N GLY A 1 9.48 5.54 3.68
CA GLY A 1 9.95 4.82 4.86
C GLY A 1 10.50 3.45 4.51
N SER A 2 11.36 2.93 5.38
CA SER A 2 11.97 1.62 5.16
C SER A 2 11.69 0.70 6.35
N SER A 3 10.44 0.27 6.48
CA SER A 3 10.04 -0.62 7.56
C SER A 3 10.13 -2.08 7.13
N GLY A 4 10.12 -2.99 8.11
CA GLY A 4 10.19 -4.40 7.80
C GLY A 4 9.17 -5.22 8.58
N SER A 5 7.92 -5.16 8.15
CA SER A 5 6.85 -5.90 8.81
C SER A 5 5.72 -6.22 7.85
N SER A 6 5.20 -7.43 7.93
CA SER A 6 4.12 -7.86 7.05
C SER A 6 2.86 -8.18 7.86
N GLY A 7 1.77 -7.50 7.53
CA GLY A 7 0.52 -7.72 8.24
C GLY A 7 -0.27 -8.89 7.67
N THR A 8 -1.52 -9.01 8.08
CA THR A 8 -2.39 -10.09 7.61
C THR A 8 -3.82 -9.90 8.09
N GLY A 9 -4.77 -10.19 7.21
CA GLY A 9 -6.17 -10.04 7.56
C GLY A 9 -7.06 -9.85 6.35
N LYS A 10 -8.31 -10.29 6.46
CA LYS A 10 -9.26 -10.16 5.36
C LYS A 10 -9.94 -8.80 5.38
N LYS A 11 -9.39 -7.85 4.63
CA LYS A 11 -9.95 -6.50 4.56
C LYS A 11 -10.62 -6.26 3.21
N PRO A 12 -11.50 -5.25 3.17
CA PRO A 12 -12.23 -4.89 1.94
C PRO A 12 -11.32 -4.28 0.88
N TYR A 13 -10.29 -3.56 1.33
CA TYR A 13 -9.35 -2.93 0.42
C TYR A 13 -7.92 -3.05 0.94
N GLU A 14 -7.03 -3.54 0.08
CA GLU A 14 -5.63 -3.71 0.45
C GLU A 14 -4.72 -3.58 -0.77
N CYS A 15 -3.84 -2.59 -0.73
CA CYS A 15 -2.91 -2.35 -1.83
C CYS A 15 -2.16 -3.63 -2.19
N ILE A 16 -1.95 -3.83 -3.50
CA ILE A 16 -1.25 -5.02 -3.97
C ILE A 16 0.19 -4.68 -4.35
N GLU A 17 0.43 -3.42 -4.72
CA GLU A 17 1.77 -2.98 -5.09
C GLU A 17 2.77 -3.24 -3.97
N CYS A 18 2.29 -3.17 -2.74
CA CYS A 18 3.14 -3.40 -1.57
C CYS A 18 2.46 -4.34 -0.58
N GLY A 19 1.16 -4.18 -0.40
CA GLY A 19 0.42 -5.02 0.51
C GLY A 19 -0.32 -4.22 1.58
N LYS A 20 -0.43 -2.92 1.36
CA LYS A 20 -1.11 -2.04 2.31
C LYS A 20 -2.50 -2.56 2.63
N ALA A 21 -3.04 -2.17 3.78
CA ALA A 21 -4.37 -2.58 4.19
C ALA A 21 -5.23 -1.39 4.57
N PHE A 22 -6.52 -1.48 4.27
CA PHE A 22 -7.45 -0.39 4.58
C PHE A 22 -8.83 -0.95 4.91
N ILE A 23 -9.77 -0.05 5.22
CA ILE A 23 -11.12 -0.44 5.54
C ILE A 23 -12.12 0.13 4.54
N GLN A 24 -11.80 1.30 4.01
CA GLN A 24 -12.67 1.96 3.03
C GLN A 24 -12.01 2.00 1.65
N ASN A 25 -12.75 2.49 0.66
CA ASN A 25 -12.24 2.59 -0.69
C ASN A 25 -11.32 3.81 -0.84
N THR A 26 -11.83 4.98 -0.47
CA THR A 26 -11.06 6.20 -0.55
C THR A 26 -9.72 6.08 0.18
N SER A 27 -9.71 5.24 1.22
CA SER A 27 -8.49 5.03 2.00
C SER A 27 -7.44 4.29 1.19
N LEU A 28 -7.89 3.45 0.26
CA LEU A 28 -6.99 2.69 -0.59
C LEU A 28 -6.44 3.55 -1.72
N ILE A 29 -7.34 4.15 -2.49
CA ILE A 29 -6.94 5.01 -3.59
C ILE A 29 -5.92 6.05 -3.15
N ARG A 30 -6.11 6.58 -1.95
CA ARG A 30 -5.21 7.58 -1.40
C ARG A 30 -3.75 7.11 -1.48
N HIS A 31 -3.44 6.04 -0.77
CA HIS A 31 -2.09 5.49 -0.76
C HIS A 31 -1.60 5.24 -2.18
N TRP A 32 -2.52 4.97 -3.09
CA TRP A 32 -2.18 4.73 -4.49
C TRP A 32 -1.71 6.01 -5.17
N ARG A 33 -2.33 7.13 -4.79
CA ARG A 33 -1.97 8.42 -5.36
C ARG A 33 -1.38 9.34 -4.31
N TYR A 34 -0.55 8.78 -3.43
CA TYR A 34 0.07 9.55 -2.36
C TYR A 34 1.59 9.35 -2.37
N TYR A 35 2.01 8.09 -2.31
CA TYR A 35 3.43 7.77 -2.30
C TYR A 35 3.83 7.04 -3.59
N HIS A 36 3.03 6.04 -3.96
CA HIS A 36 3.30 5.26 -5.17
C HIS A 36 3.50 6.18 -6.36
N THR A 37 2.57 7.11 -6.56
CA THR A 37 2.65 8.05 -7.67
C THR A 37 2.99 9.45 -7.19
N GLY A 38 4.08 10.01 -7.70
CA GLY A 38 4.50 11.33 -7.31
C GLY A 38 5.76 11.32 -6.46
N GLU A 39 6.90 11.09 -7.10
CA GLU A 39 8.17 11.06 -6.40
C GLU A 39 8.74 12.46 -6.21
N LYS A 40 9.14 12.78 -4.99
CA LYS A 40 9.71 14.09 -4.68
C LYS A 40 11.12 13.95 -4.15
N PRO A 41 11.88 15.07 -4.21
CA PRO A 41 13.27 15.10 -3.73
C PRO A 41 13.36 15.00 -2.21
N SER A 42 13.58 13.79 -1.72
CA SER A 42 13.69 13.56 -0.28
C SER A 42 14.21 12.15 0.01
N GLY A 43 15.02 12.03 1.06
CA GLY A 43 15.58 10.75 1.43
C GLY A 43 16.99 10.86 1.98
N PRO A 44 17.10 11.37 3.22
CA PRO A 44 18.39 11.54 3.90
C PRO A 44 19.03 10.20 4.28
N SER A 45 20.12 10.27 5.03
CA SER A 45 20.82 9.07 5.45
C SER A 45 21.58 9.32 6.76
N SER A 46 21.71 8.27 7.57
CA SER A 46 22.42 8.38 8.85
C SER A 46 23.90 8.09 8.68
N GLY A 47 24.74 8.98 9.20
CA GLY A 47 26.17 8.80 9.10
C GLY A 47 26.66 7.58 9.85
ZN ZN B . 1.12 0.30 -2.02
N GLY A 1 9.45 3.43 25.76
CA GLY A 1 8.83 3.44 24.44
C GLY A 1 7.68 2.46 24.33
N SER A 2 6.71 2.79 23.49
CA SER A 2 5.54 1.93 23.30
C SER A 2 5.31 1.66 21.81
N SER A 3 5.48 0.40 21.42
CA SER A 3 5.30 0.01 20.02
C SER A 3 4.77 -1.42 19.93
N GLY A 4 3.53 -1.55 19.47
CA GLY A 4 2.91 -2.86 19.34
C GLY A 4 1.67 -2.84 18.48
N SER A 5 1.57 -3.81 17.57
CA SER A 5 0.42 -3.89 16.68
C SER A 5 0.44 -5.21 15.89
N SER A 6 -0.71 -5.87 15.84
CA SER A 6 -0.83 -7.14 15.13
C SER A 6 -2.28 -7.44 14.79
N GLY A 7 -2.49 -8.45 13.95
CA GLY A 7 -3.84 -8.82 13.56
C GLY A 7 -3.88 -9.53 12.22
N THR A 8 -4.61 -10.64 12.16
CA THR A 8 -4.73 -11.41 10.93
C THR A 8 -6.17 -11.49 10.47
N GLY A 9 -6.66 -10.41 9.85
CA GLY A 9 -8.02 -10.37 9.37
C GLY A 9 -8.15 -9.72 8.01
N LYS A 10 -8.85 -10.38 7.10
CA LYS A 10 -9.04 -9.86 5.75
C LYS A 10 -9.65 -8.46 5.79
N LYS A 11 -9.45 -7.70 4.72
CA LYS A 11 -9.99 -6.35 4.63
C LYS A 11 -10.66 -6.11 3.29
N PRO A 12 -11.51 -5.08 3.23
CA PRO A 12 -12.25 -4.74 2.00
C PRO A 12 -11.33 -4.16 0.92
N TYR A 13 -10.29 -3.45 1.35
CA TYR A 13 -9.34 -2.85 0.42
C TYR A 13 -7.91 -3.01 0.93
N GLU A 14 -7.04 -3.55 0.08
CA GLU A 14 -5.64 -3.75 0.45
C GLU A 14 -4.74 -3.62 -0.78
N CYS A 15 -3.85 -2.62 -0.74
CA CYS A 15 -2.94 -2.39 -1.85
C CYS A 15 -2.18 -3.66 -2.22
N ILE A 16 -2.00 -3.89 -3.51
CA ILE A 16 -1.28 -5.06 -3.99
C ILE A 16 0.15 -4.73 -4.37
N GLU A 17 0.37 -3.48 -4.76
CA GLU A 17 1.71 -3.03 -5.15
C GLU A 17 2.72 -3.33 -4.06
N CYS A 18 2.30 -3.17 -2.81
CA CYS A 18 3.17 -3.42 -1.66
C CYS A 18 2.51 -4.36 -0.66
N GLY A 19 1.20 -4.18 -0.47
CA GLY A 19 0.47 -5.02 0.46
C GLY A 19 -0.25 -4.21 1.53
N LYS A 20 -0.34 -2.91 1.31
CA LYS A 20 -1.01 -2.02 2.25
C LYS A 20 -2.42 -2.52 2.57
N ALA A 21 -2.95 -2.11 3.72
CA ALA A 21 -4.28 -2.51 4.14
C ALA A 21 -5.12 -1.30 4.53
N PHE A 22 -6.41 -1.36 4.22
CA PHE A 22 -7.32 -0.27 4.55
C PHE A 22 -8.71 -0.80 4.87
N ILE A 23 -9.64 0.11 5.15
CA ILE A 23 -11.00 -0.26 5.48
C ILE A 23 -11.99 0.34 4.48
N GLN A 24 -11.65 1.51 3.95
CA GLN A 24 -12.51 2.19 2.98
C GLN A 24 -11.84 2.23 1.61
N ASN A 25 -12.65 2.47 0.58
CA ASN A 25 -12.15 2.53 -0.78
C ASN A 25 -11.24 3.75 -0.97
N THR A 26 -11.77 4.92 -0.66
CA THR A 26 -11.01 6.17 -0.78
C THR A 26 -9.68 6.08 -0.05
N SER A 27 -9.67 5.30 1.04
CA SER A 27 -8.45 5.14 1.84
C SER A 27 -7.38 4.39 1.05
N LEU A 28 -7.82 3.50 0.16
CA LEU A 28 -6.90 2.72 -0.66
C LEU A 28 -6.33 3.56 -1.80
N ILE A 29 -7.22 4.17 -2.57
CA ILE A 29 -6.80 5.01 -3.70
C ILE A 29 -5.78 6.05 -3.25
N ARG A 30 -5.96 6.58 -2.05
CA ARG A 30 -5.05 7.58 -1.51
C ARG A 30 -3.60 7.11 -1.59
N HIS A 31 -3.30 6.03 -0.88
CA HIS A 31 -1.95 5.47 -0.87
C HIS A 31 -1.45 5.25 -2.29
N TRP A 32 -2.36 4.86 -3.17
CA TRP A 32 -2.01 4.60 -4.57
C TRP A 32 -1.47 5.87 -5.24
N ARG A 33 -2.01 7.01 -4.86
CA ARG A 33 -1.57 8.28 -5.41
C ARG A 33 -0.94 9.17 -4.33
N TYR A 34 -0.29 8.53 -3.36
CA TYR A 34 0.35 9.26 -2.27
C TYR A 34 1.82 8.88 -2.16
N TYR A 35 2.08 7.62 -1.82
CA TYR A 35 3.44 7.13 -1.68
C TYR A 35 3.92 6.46 -2.96
N HIS A 36 2.98 5.96 -3.75
CA HIS A 36 3.30 5.31 -5.01
C HIS A 36 3.45 6.32 -6.14
N THR A 37 2.32 6.91 -6.56
CA THR A 37 2.34 7.90 -7.62
C THR A 37 2.03 9.29 -7.09
N GLY A 38 2.94 10.22 -7.32
CA GLY A 38 2.75 11.59 -6.84
C GLY A 38 3.96 12.13 -6.12
N GLU A 39 3.81 12.39 -4.83
CA GLU A 39 4.91 12.92 -4.03
C GLU A 39 6.01 11.88 -3.84
N LYS A 40 7.14 12.10 -4.50
CA LYS A 40 8.27 11.19 -4.41
C LYS A 40 8.75 11.04 -2.96
N PRO A 41 9.48 9.96 -2.69
CA PRO A 41 10.02 9.68 -1.35
C PRO A 41 11.12 10.66 -0.95
N SER A 42 10.82 11.51 0.02
CA SER A 42 11.79 12.50 0.49
C SER A 42 13.05 11.82 1.00
N GLY A 43 12.87 10.81 1.85
CA GLY A 43 14.02 10.09 2.40
C GLY A 43 14.65 9.17 1.38
N PRO A 44 15.58 8.31 1.85
CA PRO A 44 16.29 7.35 1.00
C PRO A 44 15.38 6.25 0.50
N SER A 45 15.89 5.44 -0.43
CA SER A 45 15.12 4.33 -0.99
C SER A 45 15.16 3.12 -0.07
N SER A 46 14.22 2.20 -0.26
CA SER A 46 14.15 0.99 0.55
C SER A 46 14.22 -0.26 -0.33
N GLY A 47 14.10 -1.42 0.30
CA GLY A 47 14.15 -2.68 -0.44
C GLY A 47 13.13 -2.74 -1.54
ZN ZN B . 1.11 0.16 -2.07
N GLY A 1 11.15 -12.94 6.30
CA GLY A 1 11.60 -14.26 5.89
C GLY A 1 10.47 -15.27 5.81
N SER A 2 9.79 -15.47 6.94
CA SER A 2 8.69 -16.42 7.01
C SER A 2 7.37 -15.70 7.26
N SER A 3 7.42 -14.65 8.07
CA SER A 3 6.23 -13.87 8.40
C SER A 3 5.97 -12.81 7.33
N GLY A 4 4.70 -12.45 7.17
CA GLY A 4 4.33 -11.46 6.18
C GLY A 4 3.10 -10.67 6.59
N SER A 5 1.93 -11.14 6.15
CA SER A 5 0.67 -10.47 6.46
C SER A 5 -0.02 -11.14 7.65
N SER A 6 -0.11 -10.43 8.76
CA SER A 6 -0.75 -10.96 9.96
C SER A 6 -2.16 -10.41 10.11
N GLY A 7 -3.10 -11.29 10.47
CA GLY A 7 -4.48 -10.87 10.65
C GLY A 7 -5.46 -11.95 10.25
N THR A 8 -6.60 -12.00 10.94
CA THR A 8 -7.63 -12.99 10.65
C THR A 8 -8.64 -12.46 9.66
N GLY A 9 -8.88 -13.22 8.59
CA GLY A 9 -9.83 -12.80 7.58
C GLY A 9 -9.18 -11.98 6.48
N LYS A 10 -9.93 -11.01 5.95
CA LYS A 10 -9.43 -10.16 4.89
C LYS A 10 -10.15 -8.81 4.88
N LYS A 11 -9.45 -7.78 4.44
CA LYS A 11 -10.01 -6.44 4.39
C LYS A 11 -10.65 -6.17 3.03
N PRO A 12 -11.54 -5.17 2.97
CA PRO A 12 -12.23 -4.79 1.73
C PRO A 12 -11.29 -4.14 0.72
N TYR A 13 -10.30 -3.43 1.22
CA TYR A 13 -9.33 -2.76 0.35
C TYR A 13 -7.91 -2.93 0.88
N GLU A 14 -7.03 -3.47 0.04
CA GLU A 14 -5.64 -3.69 0.43
C GLU A 14 -4.71 -3.57 -0.78
N CYS A 15 -3.80 -2.61 -0.73
CA CYS A 15 -2.86 -2.38 -1.82
C CYS A 15 -2.14 -3.68 -2.20
N ILE A 16 -1.90 -3.85 -3.49
CA ILE A 16 -1.22 -5.05 -3.97
C ILE A 16 0.23 -4.75 -4.32
N GLU A 17 0.50 -3.51 -4.68
CA GLU A 17 1.85 -3.09 -5.05
C GLU A 17 2.83 -3.36 -3.90
N CYS A 18 2.31 -3.35 -2.68
CA CYS A 18 3.13 -3.59 -1.50
C CYS A 18 2.42 -4.53 -0.52
N GLY A 19 1.12 -4.31 -0.35
CA GLY A 19 0.35 -5.14 0.55
C GLY A 19 -0.38 -4.34 1.60
N LYS A 20 -0.44 -3.02 1.41
CA LYS A 20 -1.10 -2.13 2.35
C LYS A 20 -2.52 -2.61 2.64
N ALA A 21 -3.05 -2.22 3.79
CA ALA A 21 -4.40 -2.60 4.19
C ALA A 21 -5.23 -1.39 4.57
N PHE A 22 -6.52 -1.45 4.28
CA PHE A 22 -7.43 -0.33 4.58
C PHE A 22 -8.82 -0.86 4.90
N ILE A 23 -9.75 0.06 5.14
CA ILE A 23 -11.13 -0.29 5.46
C ILE A 23 -12.10 0.28 4.43
N GLN A 24 -11.76 1.45 3.91
CA GLN A 24 -12.61 2.11 2.91
C GLN A 24 -11.91 2.15 1.55
N ASN A 25 -12.63 2.66 0.55
CA ASN A 25 -12.08 2.75 -0.80
C ASN A 25 -11.15 3.96 -0.91
N THR A 26 -11.65 5.13 -0.55
CA THR A 26 -10.86 6.36 -0.61
C THR A 26 -9.55 6.21 0.16
N SER A 27 -9.55 5.33 1.16
CA SER A 27 -8.36 5.09 1.96
C SER A 27 -7.30 4.33 1.17
N LEU A 28 -7.75 3.51 0.24
CA LEU A 28 -6.84 2.73 -0.59
C LEU A 28 -6.26 3.58 -1.71
N ILE A 29 -7.14 4.21 -2.48
CA ILE A 29 -6.70 5.06 -3.59
C ILE A 29 -5.67 6.08 -3.13
N ARG A 30 -5.86 6.60 -1.92
CA ARG A 30 -4.95 7.59 -1.36
C ARG A 30 -3.50 7.09 -1.44
N HIS A 31 -3.23 5.99 -0.74
CA HIS A 31 -1.88 5.42 -0.73
C HIS A 31 -1.37 5.19 -2.15
N TRP A 32 -2.30 4.95 -3.07
CA TRP A 32 -1.94 4.71 -4.47
C TRP A 32 -1.42 5.99 -5.12
N ARG A 33 -2.00 7.13 -4.74
CA ARG A 33 -1.58 8.42 -5.29
C ARG A 33 -0.94 9.28 -4.21
N TYR A 34 -0.26 8.64 -3.27
CA TYR A 34 0.40 9.35 -2.18
C TYR A 34 1.90 9.05 -2.15
N TYR A 35 2.23 7.79 -1.89
CA TYR A 35 3.64 7.37 -1.85
C TYR A 35 4.07 6.77 -3.17
N HIS A 36 3.29 5.83 -3.68
CA HIS A 36 3.59 5.17 -4.95
C HIS A 36 3.76 6.20 -6.06
N THR A 37 2.64 6.78 -6.51
CA THR A 37 2.67 7.78 -7.58
C THR A 37 1.99 9.07 -7.13
N GLY A 38 2.22 10.14 -7.88
CA GLY A 38 1.63 11.42 -7.55
C GLY A 38 2.66 12.53 -7.46
N GLU A 39 3.50 12.48 -6.43
CA GLU A 39 4.53 13.48 -6.23
C GLU A 39 5.91 12.95 -6.60
N LYS A 40 6.18 12.87 -7.90
CA LYS A 40 7.46 12.37 -8.39
C LYS A 40 7.66 10.90 -7.99
N PRO A 41 8.57 10.22 -8.69
CA PRO A 41 8.88 8.81 -8.42
C PRO A 41 9.60 8.61 -7.10
N SER A 42 9.09 7.71 -6.27
CA SER A 42 9.69 7.43 -4.97
C SER A 42 9.31 6.03 -4.48
N GLY A 43 10.31 5.28 -4.03
CA GLY A 43 10.06 3.94 -3.54
C GLY A 43 11.29 3.31 -2.92
N PRO A 44 11.11 2.13 -2.31
CA PRO A 44 12.21 1.40 -1.66
C PRO A 44 13.20 0.84 -2.67
N SER A 45 14.46 1.22 -2.53
CA SER A 45 15.51 0.75 -3.43
C SER A 45 16.90 1.01 -2.84
N SER A 46 17.66 -0.05 -2.64
CA SER A 46 19.01 0.07 -2.09
C SER A 46 19.77 -1.24 -2.23
N GLY A 47 20.98 -1.28 -1.70
CA GLY A 47 21.81 -2.48 -1.77
C GLY A 47 22.82 -2.40 -2.90
ZN ZN B . 1.26 0.18 -1.99
N GLY A 1 17.90 -3.13 14.82
CA GLY A 1 17.09 -2.84 13.64
C GLY A 1 15.97 -3.85 13.45
N SER A 2 15.12 -3.99 14.46
CA SER A 2 14.01 -4.92 14.39
C SER A 2 12.71 -4.26 14.85
N SER A 3 12.17 -3.40 14.00
CA SER A 3 10.93 -2.70 14.32
C SER A 3 9.91 -2.85 13.20
N GLY A 4 9.16 -3.95 13.23
CA GLY A 4 8.16 -4.21 12.21
C GLY A 4 7.68 -5.64 12.21
N SER A 5 6.49 -5.87 11.68
CA SER A 5 5.92 -7.21 11.62
C SER A 5 4.72 -7.25 10.68
N SER A 6 4.72 -8.20 9.76
CA SER A 6 3.63 -8.35 8.81
C SER A 6 2.41 -8.99 9.45
N GLY A 7 1.23 -8.69 8.92
CA GLY A 7 0.01 -9.24 9.46
C GLY A 7 -0.66 -10.22 8.52
N THR A 8 -1.94 -10.45 8.72
CA THR A 8 -2.70 -11.37 7.89
C THR A 8 -4.18 -11.37 8.24
N GLY A 9 -5.02 -11.04 7.26
CA GLY A 9 -6.45 -11.01 7.50
C GLY A 9 -7.22 -10.59 6.26
N LYS A 10 -8.54 -10.63 6.35
CA LYS A 10 -9.41 -10.26 5.24
C LYS A 10 -9.91 -8.82 5.39
N LYS A 11 -9.66 -8.00 4.38
CA LYS A 11 -10.09 -6.61 4.40
C LYS A 11 -10.78 -6.24 3.09
N PRO A 12 -11.56 -5.15 3.12
CA PRO A 12 -12.29 -4.66 1.95
C PRO A 12 -11.36 -4.08 0.89
N TYR A 13 -10.26 -3.49 1.34
CA TYR A 13 -9.29 -2.88 0.42
C TYR A 13 -7.87 -3.07 0.95
N GLU A 14 -6.97 -3.55 0.07
CA GLU A 14 -5.59 -3.77 0.45
C GLU A 14 -4.67 -3.63 -0.76
N CYS A 15 -3.80 -2.62 -0.72
CA CYS A 15 -2.87 -2.38 -1.81
C CYS A 15 -2.10 -3.64 -2.17
N ILE A 16 -1.90 -3.86 -3.46
CA ILE A 16 -1.17 -5.03 -3.94
C ILE A 16 0.27 -4.68 -4.31
N GLU A 17 0.49 -3.43 -4.68
CA GLU A 17 1.82 -2.97 -5.06
C GLU A 17 2.82 -3.24 -3.95
N CYS A 18 2.37 -3.14 -2.71
CA CYS A 18 3.23 -3.38 -1.56
C CYS A 18 2.55 -4.32 -0.56
N GLY A 19 1.25 -4.14 -0.37
CA GLY A 19 0.51 -4.98 0.55
C GLY A 19 -0.22 -4.17 1.61
N LYS A 20 -0.31 -2.86 1.39
CA LYS A 20 -1.00 -1.98 2.33
C LYS A 20 -2.40 -2.49 2.64
N ALA A 21 -2.94 -2.09 3.78
CA ALA A 21 -4.27 -2.51 4.19
C ALA A 21 -5.13 -1.30 4.55
N PHE A 22 -6.41 -1.36 4.16
CA PHE A 22 -7.34 -0.27 4.43
C PHE A 22 -8.72 -0.81 4.76
N ILE A 23 -9.62 0.09 5.15
CA ILE A 23 -10.98 -0.30 5.49
C ILE A 23 -11.99 0.33 4.52
N GLN A 24 -11.60 1.46 3.93
CA GLN A 24 -12.47 2.16 2.99
C GLN A 24 -11.85 2.21 1.60
N ASN A 25 -12.63 2.65 0.63
CA ASN A 25 -12.14 2.73 -0.76
C ASN A 25 -11.23 3.94 -0.94
N THR A 26 -11.72 5.11 -0.57
CA THR A 26 -10.95 6.34 -0.69
C THR A 26 -9.62 6.23 0.06
N SER A 27 -9.58 5.36 1.06
CA SER A 27 -8.37 5.17 1.86
C SER A 27 -7.33 4.41 1.07
N LEU A 28 -7.78 3.58 0.13
CA LEU A 28 -6.87 2.80 -0.71
C LEU A 28 -6.30 3.64 -1.84
N ILE A 29 -7.18 4.25 -2.62
CA ILE A 29 -6.77 5.10 -3.73
C ILE A 29 -5.75 6.13 -3.29
N ARG A 30 -5.91 6.63 -2.07
CA ARG A 30 -5.01 7.63 -1.52
C ARG A 30 -3.56 7.16 -1.60
N HIS A 31 -3.25 6.08 -0.88
CA HIS A 31 -1.90 5.53 -0.87
C HIS A 31 -1.41 5.29 -2.30
N TRP A 32 -2.32 4.91 -3.17
CA TRP A 32 -1.97 4.63 -4.57
C TRP A 32 -1.45 5.89 -5.25
N ARG A 33 -1.98 7.05 -4.84
CA ARG A 33 -1.56 8.32 -5.42
C ARG A 33 -0.96 9.22 -4.35
N TYR A 34 -0.30 8.61 -3.36
CA TYR A 34 0.32 9.37 -2.28
C TYR A 34 1.80 9.03 -2.17
N TYR A 35 2.12 7.75 -2.19
CA TYR A 35 3.50 7.31 -2.10
C TYR A 35 3.93 6.58 -3.37
N HIS A 36 2.96 6.00 -4.07
CA HIS A 36 3.24 5.28 -5.31
C HIS A 36 3.29 6.23 -6.49
N THR A 37 2.14 6.78 -6.85
CA THR A 37 2.05 7.71 -7.98
C THR A 37 1.85 9.15 -7.48
N GLY A 38 2.42 9.46 -6.33
CA GLY A 38 2.28 10.80 -5.77
C GLY A 38 3.63 11.42 -5.44
N GLU A 39 4.27 10.90 -4.39
CA GLU A 39 5.56 11.43 -3.97
C GLU A 39 6.69 10.46 -4.33
N LYS A 40 7.92 10.91 -4.18
CA LYS A 40 9.08 10.08 -4.49
C LYS A 40 9.22 8.94 -3.50
N PRO A 41 9.97 7.90 -3.89
CA PRO A 41 10.20 6.72 -3.05
C PRO A 41 11.09 7.03 -1.84
N SER A 42 10.60 6.67 -0.65
CA SER A 42 11.35 6.92 0.58
C SER A 42 11.56 5.62 1.35
N GLY A 43 12.25 4.68 0.72
CA GLY A 43 12.51 3.40 1.36
C GLY A 43 11.31 2.48 1.34
N PRO A 44 10.96 1.97 0.16
CA PRO A 44 9.81 1.07 -0.01
C PRO A 44 10.05 -0.30 0.62
N SER A 45 9.89 -0.37 1.94
CA SER A 45 10.09 -1.62 2.66
C SER A 45 8.84 -2.00 3.45
N SER A 46 8.07 -2.94 2.92
CA SER A 46 6.85 -3.39 3.57
C SER A 46 7.15 -4.04 4.91
N GLY A 47 8.27 -4.74 4.98
CA GLY A 47 8.67 -5.41 6.21
C GLY A 47 9.25 -6.79 5.97
ZN ZN B . 1.18 0.23 -2.03
N GLY A 1 10.46 -11.31 -2.39
CA GLY A 1 9.14 -11.05 -1.83
C GLY A 1 8.56 -12.25 -1.12
N SER A 2 9.36 -12.85 -0.23
CA SER A 2 8.92 -14.03 0.51
C SER A 2 8.01 -13.62 1.67
N SER A 3 6.70 -13.69 1.44
CA SER A 3 5.72 -13.33 2.45
C SER A 3 4.90 -14.54 2.87
N GLY A 4 4.02 -14.35 3.85
CA GLY A 4 3.19 -15.43 4.33
C GLY A 4 1.72 -15.06 4.41
N SER A 5 1.41 -14.05 5.21
CA SER A 5 0.04 -13.60 5.38
C SER A 5 -0.02 -12.08 5.56
N SER A 6 -1.21 -11.52 5.44
CA SER A 6 -1.40 -10.09 5.59
C SER A 6 -1.89 -9.74 6.99
N GLY A 7 -2.83 -10.55 7.49
CA GLY A 7 -3.37 -10.31 8.82
C GLY A 7 -4.52 -11.25 9.15
N THR A 8 -5.37 -10.82 10.07
CA THR A 8 -6.53 -11.62 10.48
C THR A 8 -7.77 -11.24 9.67
N GLY A 9 -8.18 -12.12 8.77
CA GLY A 9 -9.35 -11.85 7.95
C GLY A 9 -9.01 -11.18 6.64
N LYS A 10 -10.00 -11.00 5.78
CA LYS A 10 -9.81 -10.37 4.49
C LYS A 10 -10.44 -8.98 4.46
N LYS A 11 -9.60 -7.94 4.45
CA LYS A 11 -10.08 -6.57 4.43
C LYS A 11 -10.76 -6.26 3.09
N PRO A 12 -11.57 -5.20 3.08
CA PRO A 12 -12.29 -4.76 1.88
C PRO A 12 -11.36 -4.18 0.83
N TYR A 13 -10.30 -3.52 1.28
CA TYR A 13 -9.33 -2.92 0.37
C TYR A 13 -7.91 -3.08 0.89
N GLU A 14 -7.01 -3.55 0.04
CA GLU A 14 -5.62 -3.75 0.42
C GLU A 14 -4.70 -3.60 -0.80
N CYS A 15 -3.81 -2.62 -0.73
CA CYS A 15 -2.87 -2.37 -1.82
C CYS A 15 -2.11 -3.64 -2.19
N ILE A 16 -1.86 -3.81 -3.48
CA ILE A 16 -1.15 -4.98 -3.97
C ILE A 16 0.31 -4.64 -4.32
N GLU A 17 0.54 -3.38 -4.68
CA GLU A 17 1.88 -2.93 -5.03
C GLU A 17 2.85 -3.15 -3.88
N CYS A 18 2.32 -3.25 -2.67
CA CYS A 18 3.14 -3.46 -1.49
C CYS A 18 2.45 -4.41 -0.51
N GLY A 19 1.15 -4.22 -0.34
CA GLY A 19 0.38 -5.06 0.57
C GLY A 19 -0.34 -4.26 1.62
N LYS A 20 -0.45 -2.95 1.41
CA LYS A 20 -1.13 -2.07 2.35
C LYS A 20 -2.54 -2.58 2.64
N ALA A 21 -3.08 -2.19 3.79
CA ALA A 21 -4.42 -2.61 4.19
C ALA A 21 -5.27 -1.40 4.56
N PHE A 22 -6.55 -1.45 4.20
CA PHE A 22 -7.47 -0.36 4.50
C PHE A 22 -8.88 -0.90 4.80
N ILE A 23 -9.76 0.00 5.23
CA ILE A 23 -11.13 -0.40 5.55
C ILE A 23 -12.12 0.23 4.57
N GLN A 24 -11.73 1.36 3.99
CA GLN A 24 -12.59 2.06 3.04
C GLN A 24 -11.95 2.11 1.67
N ASN A 25 -12.69 2.62 0.69
CA ASN A 25 -12.19 2.72 -0.68
C ASN A 25 -11.23 3.90 -0.82
N THR A 26 -11.70 5.08 -0.44
CA THR A 26 -10.89 6.29 -0.53
C THR A 26 -9.55 6.10 0.18
N SER A 27 -9.55 5.28 1.22
CA SER A 27 -8.34 5.02 1.99
C SER A 27 -7.31 4.27 1.14
N LEU A 28 -7.80 3.45 0.22
CA LEU A 28 -6.93 2.67 -0.65
C LEU A 28 -6.37 3.54 -1.77
N ILE A 29 -7.26 4.14 -2.55
CA ILE A 29 -6.84 5.00 -3.65
C ILE A 29 -5.84 6.05 -3.19
N ARG A 30 -6.04 6.54 -1.96
CA ARG A 30 -5.15 7.56 -1.40
C ARG A 30 -3.70 7.10 -1.48
N HIS A 31 -3.38 6.02 -0.77
CA HIS A 31 -2.01 5.49 -0.75
C HIS A 31 -1.50 5.28 -2.17
N TRP A 32 -2.40 4.93 -3.08
CA TRP A 32 -2.03 4.71 -4.47
C TRP A 32 -1.51 5.99 -5.11
N ARG A 33 -2.10 7.11 -4.73
CA ARG A 33 -1.69 8.40 -5.27
C ARG A 33 -1.13 9.30 -4.17
N TYR A 34 -0.45 8.69 -3.21
CA TYR A 34 0.14 9.44 -2.10
C TYR A 34 1.65 9.20 -2.01
N TYR A 35 2.05 7.93 -2.15
CA TYR A 35 3.45 7.57 -2.09
C TYR A 35 3.91 6.92 -3.40
N HIS A 36 3.11 5.98 -3.89
CA HIS A 36 3.42 5.28 -5.13
C HIS A 36 3.56 6.27 -6.28
N THR A 37 2.44 6.84 -6.70
CA THR A 37 2.44 7.79 -7.81
C THR A 37 2.43 9.22 -7.29
N GLY A 38 3.26 10.08 -7.88
CA GLY A 38 3.33 11.47 -7.47
C GLY A 38 4.74 11.90 -7.15
N GLU A 39 5.12 11.81 -5.89
CA GLU A 39 6.45 12.19 -5.44
C GLU A 39 7.35 10.98 -5.24
N LYS A 40 8.60 11.08 -5.68
CA LYS A 40 9.55 9.98 -5.56
C LYS A 40 8.96 8.68 -6.11
N PRO A 41 8.79 8.64 -7.44
CA PRO A 41 8.24 7.47 -8.13
C PRO A 41 9.21 6.29 -8.13
N SER A 42 8.69 5.10 -8.44
CA SER A 42 9.51 3.90 -8.47
C SER A 42 8.97 2.91 -9.50
N GLY A 43 9.82 1.98 -9.92
CA GLY A 43 9.42 0.98 -10.89
C GLY A 43 10.06 -0.37 -10.64
N PRO A 44 9.61 -1.06 -9.58
CA PRO A 44 10.14 -2.38 -9.21
C PRO A 44 9.75 -3.46 -10.21
N SER A 45 8.53 -3.35 -10.75
CA SER A 45 8.03 -4.32 -11.72
C SER A 45 8.03 -5.73 -11.13
N SER A 46 7.62 -5.82 -9.86
CA SER A 46 7.57 -7.10 -9.17
C SER A 46 6.19 -7.37 -8.61
N GLY A 47 5.37 -8.11 -9.37
CA GLY A 47 4.03 -8.43 -8.93
C GLY A 47 3.58 -9.80 -9.37
ZN ZN B . 1.20 0.28 -2.01
#